data_6V0O
#
_entry.id   6V0O
#
_cell.length_a   100.010
_cell.length_b   136.400
_cell.length_c   179.770
_cell.angle_alpha   90.000
_cell.angle_beta   90.000
_cell.angle_gamma   90.000
#
_symmetry.space_group_name_H-M   'I 2 2 2'
#
loop_
_entity.id
_entity.type
_entity.pdbx_description
1 polymer 'Protein arginine N-methyltransferase 5'
2 polymer 'Methylosome protein 50'
3 polymer 'PBM peptide'
4 non-polymer SINEFUNGIN
5 non-polymer 'ACETYL GROUP'
#
loop_
_entity_poly.entity_id
_entity_poly.type
_entity_poly.pdbx_seq_one_letter_code
_entity_poly.pdbx_strand_id
1 'polypeptide(L)'
;MAAMAVGGAGGSRVSSGRDLNCVPEIADTLGAVAKQGFDFLCMPVFHPRFKREFIQEPAKNRPGPQTRSDLLLSGRDWNT
LIVGKLSPWIRPDSKVEKIRRNSEAAMLQELNFGAYLGLPAFLLPLNQEDNTNLARVLTNHIHTGHHSSMFWMRVPLVAP
EDLRDDIIENAPTTHTEEYSGEEKTWMWWHNFRTLCDYSKRIAVALEIGADLPSNHVIDRWLGEPIKAAILPTSIFLTNK
KGFPVLSKMHQRLIFRLLKLEVQFIITGTNHHSEKEFCSYLQYLEYLSQNRPPPNAYELFAKGYEDYLQSPLQPLMDNLE
SQTYEVFEKDPIKYSQYQQAIYKCLLDRVPEEEKDTNVQVLMVLGAGRGPLVNASLRAAKQADRRIKLYAVEKNPNAVVT
LENWQFEEWGSQVTVVSSDMREWVAPEKADIIVSELLGSFADNELSPECLDGAQHFLKDDGVSIPGEYTSFLAPISSSKL
YNEVRACREKDRDPEAQFEMPYVVRLHNFHQLSAPQPCFTFSHPNRDPMIDNNRYCTLEFPVEVNTVLHGFAGYFETVLY
QDITLSIRPETHSPGMFSWFPILFPIKQPITVREGQTICVRFWRCSNSKKVWYEWAVTAPVCSAIHNPTGRSYTIGL
;
A
2 'polypeptide(L)'
;PRKETPPPLVPPAAREWNLPPNAPACMERQLEAARYRSDGALLLGASSLSGRCWAGSLWLFKDPCAAPNEGFCSAGVQTE
AGVADLTWVGERGILVASDSGAVELWELDENETLIVSKFCKYEHDDIVSTVSVLSSGTQAVSGSKDICIKVWDLAQQVVL
SSYRAHAAQVTCVAASPHKDSVFLSCSEDNRILLWDTRCPKPASQIGCSAPGYLPTSLAWHPQQSEVFVFGDENGTVSLV
DTKSTSCVLSSAVHSQCVTGLVFSPHSVPFLASLSEDCSLAVLDSSLSELFRSQAHRDFVRDATWSPLNHSLLTTVGWDH
QVVHHVVPTEPLPAPGPASVTE
;
B
3 'polypeptide(L)' TVAGQFEDADVDH D
#
loop_
_chem_comp.id
_chem_comp.type
_chem_comp.name
_chem_comp.formula
ACE non-polymer 'ACETYL GROUP' 'C2 H4 O'
SFG non-polymer SINEFUNGIN 'C15 H23 N7 O5'
#
# COMPACT_ATOMS: atom_id res chain seq x y z
N ARG A 13 -3.33 -13.27 -15.49
CA ARG A 13 -3.75 -14.15 -14.39
C ARG A 13 -4.49 -13.37 -13.31
N VAL A 14 -3.78 -12.36 -12.72
CA VAL A 14 -4.13 -11.43 -11.63
C VAL A 14 -4.54 -12.16 -10.31
N SER A 15 -3.73 -11.91 -9.27
CA SER A 15 -3.94 -12.47 -7.93
C SER A 15 -4.91 -11.52 -7.20
N SER A 16 -6.00 -12.09 -6.70
CA SER A 16 -7.08 -11.32 -6.09
C SER A 16 -7.52 -11.82 -4.71
N GLY A 17 -8.00 -10.90 -3.89
CA GLY A 17 -8.43 -11.23 -2.54
C GLY A 17 -9.64 -10.44 -2.15
N ARG A 18 -10.43 -11.01 -1.24
CA ARG A 18 -11.66 -10.42 -0.73
C ARG A 18 -11.42 -9.90 0.69
N ASP A 19 -11.80 -8.63 0.94
CA ASP A 19 -11.67 -8.02 2.26
C ASP A 19 -13.04 -7.97 2.94
N LEU A 20 -13.11 -8.50 4.16
CA LEU A 20 -14.32 -8.53 4.99
C LEU A 20 -14.00 -8.17 6.45
N ASN A 21 -14.98 -7.64 7.16
CA ASN A 21 -14.83 -7.32 8.58
C ASN A 21 -15.93 -8.04 9.34
N CYS A 22 -16.57 -9.02 8.65
CA CYS A 22 -17.67 -9.87 9.13
C CYS A 22 -17.53 -11.29 8.58
N VAL A 23 -17.14 -12.23 9.46
CA VAL A 23 -16.97 -13.66 9.14
C VAL A 23 -17.76 -14.45 10.23
N PRO A 24 -19.07 -14.68 10.01
CA PRO A 24 -19.86 -15.39 11.03
C PRO A 24 -19.36 -16.82 11.22
N GLU A 25 -19.16 -17.55 10.10
CA GLU A 25 -18.63 -18.92 10.08
C GLU A 25 -17.53 -18.94 9.03
N ILE A 26 -16.30 -19.18 9.48
CA ILE A 26 -15.02 -19.18 8.75
C ILE A 26 -14.96 -20.14 7.52
N ALA A 27 -15.49 -21.36 7.69
CA ALA A 27 -15.53 -22.41 6.71
C ALA A 27 -16.38 -22.02 5.52
N ASP A 28 -17.65 -21.60 5.77
CA ASP A 28 -18.51 -21.22 4.65
C ASP A 28 -18.16 -19.93 4.04
N THR A 29 -17.60 -18.98 4.83
CA THR A 29 -17.18 -17.68 4.32
C THR A 29 -16.06 -17.88 3.30
N LEU A 30 -15.00 -18.62 3.70
CA LEU A 30 -13.90 -18.96 2.80
C LEU A 30 -14.40 -19.62 1.50
N GLY A 31 -15.28 -20.61 1.67
CA GLY A 31 -15.90 -21.39 0.59
C GLY A 31 -16.66 -20.56 -0.42
N ALA A 32 -17.51 -19.65 0.09
CA ALA A 32 -18.31 -18.71 -0.70
C ALA A 32 -17.40 -17.76 -1.51
N VAL A 33 -16.31 -17.26 -0.87
CA VAL A 33 -15.29 -16.35 -1.41
C VAL A 33 -14.49 -17.04 -2.54
N ALA A 34 -14.10 -18.30 -2.32
CA ALA A 34 -13.40 -19.11 -3.30
C ALA A 34 -14.30 -19.31 -4.53
N LYS A 35 -15.60 -19.61 -4.30
CA LYS A 35 -16.63 -19.80 -5.33
C LYS A 35 -16.79 -18.55 -6.22
N GLN A 36 -16.45 -17.36 -5.67
CA GLN A 36 -16.51 -16.09 -6.39
C GLN A 36 -15.29 -15.89 -7.33
N GLY A 37 -14.23 -16.65 -7.12
CA GLY A 37 -13.03 -16.59 -7.95
C GLY A 37 -11.79 -16.01 -7.29
N PHE A 38 -11.90 -15.60 -6.01
CA PHE A 38 -10.83 -15.01 -5.22
C PHE A 38 -9.78 -16.01 -4.76
N ASP A 39 -8.51 -15.58 -4.74
CA ASP A 39 -7.37 -16.40 -4.34
C ASP A 39 -7.16 -16.40 -2.83
N PHE A 40 -7.57 -15.33 -2.12
CA PHE A 40 -7.40 -15.23 -0.67
C PHE A 40 -8.45 -14.37 -0.01
N LEU A 41 -8.44 -14.35 1.32
CA LEU A 41 -9.37 -13.62 2.15
C LEU A 41 -8.67 -12.81 3.26
N CYS A 42 -8.97 -11.50 3.32
CA CYS A 42 -8.50 -10.57 4.35
C CYS A 42 -9.60 -10.53 5.40
N MET A 43 -9.33 -11.02 6.61
CA MET A 43 -10.37 -11.09 7.62
C MET A 43 -9.83 -10.84 9.02
N PRO A 44 -10.68 -10.51 10.01
CA PRO A 44 -10.15 -10.29 11.35
C PRO A 44 -9.83 -11.63 12.01
N VAL A 45 -8.76 -11.66 12.82
CA VAL A 45 -8.33 -12.90 13.49
C VAL A 45 -8.96 -13.02 14.88
N PHE A 46 -9.51 -11.90 15.37
CA PHE A 46 -10.24 -11.71 16.61
C PHE A 46 -11.47 -10.90 16.18
N HIS A 47 -12.63 -11.01 16.90
CA HIS A 47 -13.83 -10.22 16.53
C HIS A 47 -13.49 -8.71 16.58
N PRO A 48 -13.71 -7.98 15.45
CA PRO A 48 -13.38 -6.54 15.39
C PRO A 48 -13.98 -5.66 16.47
N ARG A 49 -15.07 -6.13 17.12
CA ARG A 49 -15.79 -5.41 18.18
C ARG A 49 -15.43 -5.91 19.59
N PHE A 50 -14.73 -7.05 19.65
CA PHE A 50 -14.40 -7.67 20.90
C PHE A 50 -13.20 -7.02 21.60
N LYS A 51 -13.42 -5.80 22.12
CA LYS A 51 -12.45 -4.98 22.85
C LYS A 51 -12.06 -5.75 24.08
N ARG A 52 -10.75 -5.81 24.35
CA ARG A 52 -10.17 -6.55 25.47
C ARG A 52 -9.39 -5.66 26.44
N GLU A 53 -9.46 -6.04 27.73
CA GLU A 53 -8.81 -5.32 28.82
C GLU A 53 -7.71 -6.21 29.35
N PHE A 54 -6.53 -5.61 29.57
CA PHE A 54 -5.34 -6.33 30.00
C PHE A 54 -4.84 -5.94 31.42
N ILE A 55 -5.31 -4.79 31.96
CA ILE A 55 -4.84 -4.21 33.23
C ILE A 55 -5.88 -4.16 34.38
N GLN A 56 -7.06 -3.57 34.10
CA GLN A 56 -8.13 -3.33 35.07
C GLN A 56 -9.04 -4.51 35.33
N GLU A 57 -9.30 -4.77 36.61
CA GLU A 57 -10.27 -5.74 37.10
C GLU A 57 -11.63 -4.99 37.07
N PRO A 58 -12.77 -5.66 36.79
CA PRO A 58 -12.97 -7.09 36.57
C PRO A 58 -12.85 -7.58 35.11
N ALA A 59 -12.81 -6.66 34.13
CA ALA A 59 -12.76 -6.92 32.70
C ALA A 59 -11.52 -7.69 32.21
N LYS A 60 -10.37 -7.55 32.92
CA LYS A 60 -9.14 -8.27 32.53
C LYS A 60 -9.26 -9.78 32.77
N ASN A 61 -10.15 -10.19 33.68
CA ASN A 61 -10.40 -11.58 34.04
C ASN A 61 -11.59 -12.21 33.26
N ARG A 62 -11.92 -11.65 32.07
CA ARG A 62 -12.95 -12.17 31.17
C ARG A 62 -12.53 -13.58 30.68
N PRO A 63 -13.45 -14.56 30.82
CA PRO A 63 -13.12 -15.94 30.41
C PRO A 63 -13.51 -16.31 28.98
N GLY A 64 -13.52 -17.61 28.73
CA GLY A 64 -13.87 -18.21 27.45
C GLY A 64 -12.72 -18.02 26.50
N PRO A 65 -12.72 -18.71 25.32
CA PRO A 65 -11.63 -18.49 24.33
C PRO A 65 -11.63 -17.03 23.83
N GLN A 66 -10.46 -16.42 23.61
CA GLN A 66 -10.39 -15.02 23.21
C GLN A 66 -10.78 -14.79 21.75
N THR A 67 -10.73 -15.88 20.97
CA THR A 67 -11.11 -15.93 19.56
C THR A 67 -11.45 -17.39 19.12
N ARG A 68 -11.68 -17.58 17.82
CA ARG A 68 -12.00 -18.89 17.25
C ARG A 68 -10.76 -19.73 17.13
N SER A 69 -10.92 -21.10 17.19
CA SER A 69 -9.81 -22.10 17.12
C SER A 69 -9.13 -22.21 15.77
N ASP A 70 -7.80 -22.37 15.82
CA ASP A 70 -6.89 -22.57 14.70
C ASP A 70 -7.24 -23.88 13.96
N LEU A 71 -7.93 -24.80 14.67
CA LEU A 71 -8.35 -26.10 14.16
C LEU A 71 -9.46 -26.02 13.14
N LEU A 72 -10.08 -24.83 12.98
CA LEU A 72 -11.16 -24.61 12.02
C LEU A 72 -10.70 -24.64 10.56
N LEU A 73 -9.40 -24.48 10.35
CA LEU A 73 -8.82 -24.52 9.02
C LEU A 73 -7.59 -25.38 9.06
N SER A 74 -7.14 -25.85 7.88
CA SER A 74 -5.92 -26.64 7.73
C SER A 74 -4.76 -25.66 7.80
N GLY A 75 -3.59 -26.14 8.20
CA GLY A 75 -2.37 -25.35 8.30
C GLY A 75 -2.06 -24.68 6.96
N ARG A 76 -2.24 -25.43 5.84
CA ARG A 76 -2.02 -24.94 4.49
C ARG A 76 -2.98 -23.79 4.15
N ASP A 77 -4.28 -23.90 4.54
CA ASP A 77 -5.26 -22.84 4.32
C ASP A 77 -4.91 -21.57 5.06
N TRP A 78 -4.45 -21.66 6.34
CA TRP A 78 -3.99 -20.50 7.10
C TRP A 78 -2.81 -19.83 6.40
N ASN A 79 -1.83 -20.63 5.93
CA ASN A 79 -0.61 -20.19 5.26
C ASN A 79 -0.83 -19.65 3.87
N THR A 80 -1.92 -20.03 3.20
CA THR A 80 -2.06 -19.64 1.80
C THR A 80 -3.31 -18.84 1.44
N LEU A 81 -4.38 -18.99 2.21
CA LEU A 81 -5.64 -18.32 1.89
C LEU A 81 -6.09 -17.16 2.81
N ILE A 82 -5.44 -16.94 3.95
CA ILE A 82 -5.87 -15.91 4.90
C ILE A 82 -4.86 -14.80 5.14
N VAL A 83 -5.28 -13.53 4.93
CA VAL A 83 -4.51 -12.33 5.27
C VAL A 83 -5.22 -11.78 6.51
N GLY A 84 -4.48 -11.64 7.61
CA GLY A 84 -4.99 -11.19 8.90
C GLY A 84 -5.21 -9.71 8.95
N LYS A 85 -6.10 -9.24 9.84
CA LYS A 85 -6.41 -7.82 9.97
C LYS A 85 -6.35 -7.37 11.43
N LEU A 86 -5.70 -6.23 11.69
CA LEU A 86 -5.64 -5.69 13.05
C LEU A 86 -7.03 -5.15 13.45
N SER A 87 -7.49 -5.41 14.70
CA SER A 87 -8.79 -4.94 15.19
C SER A 87 -8.88 -3.41 15.13
N PRO A 88 -10.03 -2.87 14.64
CA PRO A 88 -10.15 -1.41 14.46
C PRO A 88 -10.03 -0.54 15.73
N TRP A 89 -10.26 -1.14 16.91
CA TRP A 89 -10.18 -0.42 18.17
C TRP A 89 -8.74 -0.33 18.68
N ILE A 90 -7.80 -1.09 18.10
CA ILE A 90 -6.40 -1.07 18.55
C ILE A 90 -5.76 0.24 18.11
N ARG A 91 -5.55 1.16 19.10
CA ARG A 91 -5.03 2.51 18.85
C ARG A 91 -3.75 2.78 19.66
N PRO A 92 -2.59 2.34 19.13
CA PRO A 92 -1.33 2.53 19.88
C PRO A 92 -0.89 3.98 20.04
N ASP A 93 -1.42 4.90 19.22
CA ASP A 93 -0.99 6.29 19.32
C ASP A 93 -2.07 7.22 19.90
N SER A 94 -3.08 6.61 20.56
CA SER A 94 -4.14 7.32 21.28
C SER A 94 -3.50 8.31 22.25
N LYS A 95 -4.16 9.44 22.49
CA LYS A 95 -3.62 10.43 23.43
C LYS A 95 -3.99 10.05 24.88
N VAL A 96 -4.82 9.02 25.04
CA VAL A 96 -5.24 8.45 26.30
C VAL A 96 -4.25 7.32 26.64
N GLU A 97 -3.56 7.45 27.79
CA GLU A 97 -2.56 6.48 28.26
C GLU A 97 -3.14 5.05 28.40
N LYS A 98 -4.33 4.91 29.03
CA LYS A 98 -4.99 3.61 29.24
C LYS A 98 -5.29 2.90 27.91
N ILE A 99 -5.75 3.68 26.89
CA ILE A 99 -6.04 3.17 25.56
C ILE A 99 -4.76 2.73 24.86
N ARG A 100 -3.69 3.51 25.00
CA ARG A 100 -2.37 3.26 24.43
C ARG A 100 -1.80 1.94 24.95
N ARG A 101 -1.86 1.70 26.28
CA ARG A 101 -1.35 0.50 26.96
C ARG A 101 -2.11 -0.77 26.59
N ASN A 102 -3.46 -0.71 26.58
CA ASN A 102 -4.29 -1.88 26.19
C ASN A 102 -4.05 -2.21 24.71
N SER A 103 -3.89 -1.15 23.88
CA SER A 103 -3.66 -1.26 22.46
C SER A 103 -2.32 -1.86 22.16
N GLU A 104 -1.25 -1.54 22.95
CA GLU A 104 0.10 -2.18 22.80
C GLU A 104 -0.04 -3.69 23.04
N ALA A 105 -0.64 -4.08 24.19
CA ALA A 105 -0.88 -5.48 24.60
C ALA A 105 -1.75 -6.25 23.59
N ALA A 106 -2.80 -5.58 23.06
CA ALA A 106 -3.72 -6.17 22.08
C ALA A 106 -3.05 -6.36 20.73
N MET A 107 -2.22 -5.37 20.30
CA MET A 107 -1.50 -5.41 19.04
C MET A 107 -0.58 -6.64 19.03
N LEU A 108 0.20 -6.81 20.12
CA LEU A 108 1.10 -7.95 20.30
C LEU A 108 0.33 -9.24 20.30
N GLN A 109 -0.77 -9.32 21.10
CA GLN A 109 -1.64 -10.50 21.18
C GLN A 109 -2.16 -10.91 19.78
N GLU A 110 -2.58 -9.92 18.98
CA GLU A 110 -3.08 -10.18 17.63
C GLU A 110 -1.98 -10.59 16.65
N LEU A 111 -0.83 -9.89 16.66
CA LEU A 111 0.30 -10.19 15.78
C LEU A 111 0.91 -11.55 16.08
N ASN A 112 0.88 -11.94 17.37
CA ASN A 112 1.38 -13.24 17.85
C ASN A 112 0.43 -14.33 17.45
N PHE A 113 -0.89 -14.07 17.50
CA PHE A 113 -1.85 -15.07 17.05
C PHE A 113 -1.72 -15.34 15.56
N GLY A 114 -1.45 -14.31 14.78
CA GLY A 114 -1.24 -14.43 13.34
C GLY A 114 -0.02 -15.27 13.05
N ALA A 115 1.04 -15.14 13.91
CA ALA A 115 2.29 -15.89 13.78
C ALA A 115 2.05 -17.32 14.08
N TYR A 116 1.22 -17.58 15.11
CA TYR A 116 0.80 -18.92 15.55
C TYR A 116 0.13 -19.63 14.38
N LEU A 117 -0.81 -18.96 13.71
CA LEU A 117 -1.54 -19.46 12.55
C LEU A 117 -0.66 -19.59 11.30
N GLY A 118 0.51 -18.97 11.29
CA GLY A 118 1.40 -19.00 10.13
C GLY A 118 0.83 -18.22 8.95
N LEU A 119 0.11 -17.11 9.24
CA LEU A 119 -0.50 -16.27 8.21
C LEU A 119 0.57 -15.64 7.33
N PRO A 120 0.32 -15.64 6.00
CA PRO A 120 1.33 -15.13 5.05
C PRO A 120 1.56 -13.62 5.08
N ALA A 121 0.51 -12.86 5.47
CA ALA A 121 0.47 -11.40 5.58
C ALA A 121 -0.55 -10.96 6.63
N PHE A 122 -0.32 -9.78 7.16
CA PHE A 122 -1.15 -9.17 8.20
C PHE A 122 -1.29 -7.68 7.93
N LEU A 123 -2.52 -7.18 7.93
CA LEU A 123 -2.87 -5.78 7.65
C LEU A 123 -2.93 -4.89 8.90
N LEU A 124 -2.29 -3.68 8.78
CA LEU A 124 -2.19 -2.63 9.80
C LEU A 124 -2.47 -1.29 9.14
N PRO A 125 -3.31 -0.40 9.73
CA PRO A 125 -3.67 0.84 9.03
C PRO A 125 -2.97 2.15 9.42
N LEU A 126 -2.47 2.82 8.37
CA LEU A 126 -1.86 4.14 8.50
C LEU A 126 -2.96 5.15 8.12
N ASN A 127 -3.85 5.46 9.09
CA ASN A 127 -5.02 6.34 8.93
C ASN A 127 -4.88 7.75 9.54
N GLN A 128 -3.69 8.07 10.09
CA GLN A 128 -3.37 9.35 10.71
C GLN A 128 -1.87 9.65 10.52
N GLU A 129 -1.42 10.84 10.89
CA GLU A 129 -0.03 11.31 10.77
C GLU A 129 0.93 10.65 11.75
N ASP A 130 0.51 10.54 13.04
CA ASP A 130 1.34 9.95 14.09
C ASP A 130 1.08 8.44 14.35
N ASN A 131 2.03 7.59 13.94
CA ASN A 131 1.97 6.13 14.10
C ASN A 131 3.29 5.60 14.67
N THR A 132 3.94 6.45 15.49
CA THR A 132 5.25 6.24 16.14
C THR A 132 5.24 5.04 17.08
N ASN A 133 4.24 4.97 17.95
CA ASN A 133 4.14 3.87 18.88
C ASN A 133 3.69 2.59 18.17
N LEU A 134 2.86 2.72 17.11
CA LEU A 134 2.47 1.57 16.29
C LEU A 134 3.77 0.98 15.65
N ALA A 135 4.63 1.88 15.09
CA ALA A 135 5.94 1.55 14.51
C ALA A 135 6.82 0.81 15.51
N ARG A 136 6.91 1.34 16.79
CA ARG A 136 7.71 0.74 17.88
C ARG A 136 7.25 -0.66 18.21
N VAL A 137 5.91 -0.83 18.39
CA VAL A 137 5.36 -2.15 18.70
C VAL A 137 5.64 -3.12 17.54
N LEU A 138 5.44 -2.70 16.27
CA LEU A 138 5.72 -3.56 15.14
C LEU A 138 7.18 -3.90 14.99
N THR A 139 8.12 -2.95 15.23
CA THR A 139 9.56 -3.26 15.17
C THR A 139 9.97 -4.24 16.25
N ASN A 140 9.39 -4.14 17.46
CA ASN A 140 9.68 -5.10 18.54
C ASN A 140 9.16 -6.49 18.13
N HIS A 141 7.98 -6.57 17.47
CA HIS A 141 7.45 -7.85 16.99
C HIS A 141 8.34 -8.42 15.90
N ILE A 142 8.80 -7.59 14.94
CA ILE A 142 9.71 -8.06 13.87
C ILE A 142 11.02 -8.66 14.45
N HIS A 143 11.58 -8.02 15.49
CA HIS A 143 12.80 -8.44 16.15
C HIS A 143 12.61 -9.49 17.26
N THR A 144 11.48 -10.18 17.23
CA THR A 144 11.17 -11.24 18.19
C THR A 144 10.94 -12.53 17.39
N GLY A 145 12.05 -13.23 17.18
CA GLY A 145 12.11 -14.50 16.47
C GLY A 145 12.52 -14.41 15.01
N HIS A 146 11.85 -15.25 14.20
CA HIS A 146 11.97 -15.40 12.76
C HIS A 146 11.69 -14.10 11.97
N HIS A 147 11.68 -14.22 10.62
CA HIS A 147 11.45 -13.11 9.69
C HIS A 147 10.67 -13.55 8.43
N SER A 148 9.58 -14.33 8.61
CA SER A 148 8.78 -14.82 7.48
C SER A 148 7.65 -13.83 7.00
N SER A 149 6.46 -13.83 7.68
CA SER A 149 5.24 -13.07 7.42
C SER A 149 5.44 -11.63 6.96
N MET A 150 4.56 -11.16 6.07
CA MET A 150 4.57 -9.80 5.60
C MET A 150 3.63 -8.94 6.43
N PHE A 151 3.90 -7.63 6.45
CA PHE A 151 3.08 -6.62 7.11
C PHE A 151 2.70 -5.63 6.04
N TRP A 152 1.39 -5.60 5.76
CA TRP A 152 0.82 -4.77 4.74
C TRP A 152 0.22 -3.56 5.43
N MET A 153 0.82 -2.38 5.16
CA MET A 153 0.36 -1.11 5.72
C MET A 153 -0.69 -0.48 4.85
N ARG A 154 -1.93 -0.42 5.36
CA ARG A 154 -3.11 0.14 4.67
C ARG A 154 -3.09 1.67 4.70
N VAL A 155 -2.67 2.27 3.60
CA VAL A 155 -2.55 3.72 3.47
C VAL A 155 -3.30 4.19 2.21
N PRO A 156 -4.17 5.23 2.36
CA PRO A 156 -4.94 5.70 1.20
C PRO A 156 -4.17 6.62 0.30
N LEU A 157 -4.59 6.73 -0.97
CA LEU A 157 -3.98 7.67 -1.89
C LEU A 157 -4.26 9.05 -1.38
N VAL A 158 -5.55 9.30 -1.00
CA VAL A 158 -6.06 10.57 -0.47
C VAL A 158 -6.58 10.34 0.95
N ALA A 159 -6.08 11.15 1.89
CA ALA A 159 -6.46 11.11 3.32
C ALA A 159 -7.98 11.23 3.49
N PRO A 160 -8.61 10.54 4.47
CA PRO A 160 -10.07 10.65 4.64
C PRO A 160 -10.58 12.06 4.90
N GLU A 161 -9.76 12.91 5.55
CA GLU A 161 -10.05 14.32 5.82
C GLU A 161 -10.11 15.16 4.50
N ASP A 162 -9.41 14.71 3.48
CA ASP A 162 -9.31 15.38 2.19
C ASP A 162 -10.30 14.87 1.18
N LEU A 163 -11.07 13.82 1.50
CA LEU A 163 -12.09 13.31 0.57
C LEU A 163 -13.53 13.41 1.13
N ARG A 164 -13.70 14.01 2.34
CA ARG A 164 -14.99 14.20 2.99
C ARG A 164 -15.84 15.18 2.19
N ASP A 165 -17.17 15.01 2.26
CA ASP A 165 -18.12 15.87 1.55
C ASP A 165 -18.06 17.27 2.16
N ASP A 166 -18.23 18.29 1.31
CA ASP A 166 -18.25 19.67 1.78
C ASP A 166 -19.71 19.94 2.21
N ILE A 167 -20.04 19.42 3.40
CA ILE A 167 -21.37 19.47 3.97
C ILE A 167 -21.33 20.07 5.38
N ILE A 168 -20.14 20.51 5.86
CA ILE A 168 -20.05 21.14 7.18
C ILE A 168 -19.90 22.63 6.92
N GLU A 169 -20.98 23.43 7.19
CA GLU A 169 -21.06 24.86 6.92
C GLU A 169 -19.98 25.71 7.59
N ASN A 170 -19.63 25.40 8.87
CA ASN A 170 -18.64 26.15 9.66
C ASN A 170 -17.21 25.55 9.60
N ALA A 171 -17.01 24.52 8.78
CA ALA A 171 -15.72 23.87 8.55
C ALA A 171 -15.67 23.44 7.06
N PRO A 172 -15.46 24.38 6.12
CA PRO A 172 -15.47 23.98 4.71
C PRO A 172 -14.17 23.33 4.31
N THR A 173 -14.24 22.50 3.25
CA THR A 173 -13.08 21.79 2.71
C THR A 173 -12.18 22.88 2.11
N THR A 174 -10.85 22.77 2.29
CA THR A 174 -9.89 23.77 1.80
C THR A 174 -9.87 23.77 0.24
N HIS A 175 -10.24 24.93 -0.36
CA HIS A 175 -10.31 25.12 -1.81
C HIS A 175 -9.01 25.70 -2.38
N THR A 176 -7.98 25.82 -1.49
CA THR A 176 -6.61 26.25 -1.79
C THR A 176 -5.82 24.98 -2.19
N GLU A 177 -5.11 25.02 -3.35
CA GLU A 177 -4.31 23.89 -3.81
C GLU A 177 -3.06 23.84 -2.93
N GLU A 178 -2.94 22.76 -2.13
CA GLU A 178 -1.81 22.54 -1.25
C GLU A 178 -1.03 21.38 -1.87
N TYR A 179 -0.03 21.69 -2.73
CA TYR A 179 0.81 20.72 -3.44
C TYR A 179 1.38 19.64 -2.49
N SER A 180 2.07 20.07 -1.40
CA SER A 180 2.67 19.23 -0.35
C SER A 180 1.62 18.51 0.53
N GLY A 181 0.50 19.20 0.79
CA GLY A 181 -0.63 18.70 1.59
C GLY A 181 -1.41 17.56 0.95
N GLU A 182 -1.52 17.57 -0.40
CA GLU A 182 -2.18 16.51 -1.20
C GLU A 182 -1.35 15.21 -1.15
N GLU A 183 -0.06 15.33 -0.80
CA GLU A 183 0.93 14.27 -0.66
C GLU A 183 1.16 13.86 0.81
N LYS A 184 0.24 14.22 1.73
CA LYS A 184 0.40 13.91 3.16
C LYS A 184 0.43 12.41 3.49
N THR A 185 -0.33 11.55 2.76
CA THR A 185 -0.37 10.10 3.03
C THR A 185 0.95 9.39 2.71
N TRP A 186 1.74 9.92 1.76
CA TRP A 186 3.04 9.34 1.46
C TRP A 186 3.96 9.58 2.63
N MET A 187 3.99 10.81 3.21
N MET A 187 3.97 10.81 3.21
CA MET A 187 4.83 11.14 4.37
CA MET A 187 4.75 11.21 4.38
C MET A 187 4.44 10.31 5.61
C MET A 187 4.43 10.29 5.58
N TRP A 188 3.15 9.90 5.74
CA TRP A 188 2.68 9.00 6.83
C TRP A 188 3.37 7.61 6.67
N TRP A 189 3.40 7.08 5.40
CA TRP A 189 4.08 5.83 5.05
C TRP A 189 5.61 5.98 5.24
N HIS A 190 6.22 6.99 4.60
CA HIS A 190 7.62 7.31 4.70
C HIS A 190 8.11 7.42 6.15
N ASN A 191 7.45 8.22 7.00
CA ASN A 191 7.80 8.32 8.42
C ASN A 191 7.83 6.98 9.14
N PHE A 192 6.81 6.15 8.92
CA PHE A 192 6.65 4.83 9.51
C PHE A 192 7.75 3.90 9.09
N ARG A 193 8.03 3.78 7.78
CA ARG A 193 9.07 2.88 7.33
C ARG A 193 10.49 3.36 7.75
N THR A 194 10.69 4.69 7.86
CA THR A 194 11.98 5.27 8.28
C THR A 194 12.20 4.90 9.73
N LEU A 195 11.15 5.01 10.55
CA LEU A 195 11.18 4.63 11.95
C LEU A 195 11.50 3.13 12.17
N CYS A 196 10.90 2.25 11.34
CA CYS A 196 11.08 0.80 11.39
C CYS A 196 12.33 0.39 10.64
N ASP A 197 13.21 1.37 10.30
CA ASP A 197 14.50 1.19 9.62
C ASP A 197 14.42 0.30 8.37
N TYR A 198 13.52 0.69 7.42
CA TYR A 198 13.35 0.04 6.12
C TYR A 198 13.26 -1.51 6.22
N SER A 199 12.37 -2.08 7.10
CA SER A 199 12.27 -3.55 7.23
C SER A 199 11.67 -4.16 5.96
N LYS A 200 12.32 -5.17 5.39
CA LYS A 200 11.90 -5.84 4.15
C LYS A 200 10.55 -6.53 4.28
N ARG A 201 10.12 -6.75 5.52
CA ARG A 201 8.85 -7.38 5.89
C ARG A 201 7.74 -6.37 5.92
N ILE A 202 8.04 -5.06 5.73
CA ILE A 202 7.05 -3.96 5.75
C ILE A 202 6.85 -3.38 4.35
N ALA A 203 5.63 -3.57 3.81
CA ALA A 203 5.20 -3.14 2.48
C ALA A 203 3.93 -2.29 2.52
N VAL A 204 3.50 -1.82 1.31
CA VAL A 204 2.34 -1.00 1.10
C VAL A 204 1.17 -1.78 0.53
N ALA A 205 -0.02 -1.54 1.12
CA ALA A 205 -1.34 -1.98 0.68
C ALA A 205 -2.02 -0.63 0.44
N LEU A 206 -1.96 -0.13 -0.82
CA LEU A 206 -2.42 1.21 -1.23
C LEU A 206 -3.91 1.23 -1.56
N GLU A 207 -4.67 2.04 -0.80
CA GLU A 207 -6.11 2.17 -0.93
C GLU A 207 -6.53 3.28 -1.94
N ILE A 208 -7.24 2.87 -3.02
CA ILE A 208 -7.70 3.74 -4.13
C ILE A 208 -9.05 4.39 -3.80
N GLY A 209 -9.12 5.71 -3.93
CA GLY A 209 -10.33 6.47 -3.63
C GLY A 209 -11.19 6.79 -4.84
N ALA A 210 -12.43 7.24 -4.57
CA ALA A 210 -13.41 7.63 -5.58
C ALA A 210 -12.84 8.67 -6.56
N ASP A 211 -12.20 9.71 -6.04
CA ASP A 211 -11.56 10.72 -6.87
C ASP A 211 -10.06 10.54 -6.79
N LEU A 212 -9.42 10.24 -7.93
CA LEU A 212 -7.97 10.06 -7.98
C LEU A 212 -7.23 11.35 -7.69
N PRO A 213 -6.12 11.32 -6.93
CA PRO A 213 -5.39 12.56 -6.68
C PRO A 213 -4.67 13.01 -7.95
N SER A 214 -4.06 14.19 -7.85
CA SER A 214 -3.28 14.77 -8.93
C SER A 214 -2.11 13.82 -9.27
N ASN A 215 -1.66 13.79 -10.53
CA ASN A 215 -0.64 12.86 -11.02
C ASN A 215 0.58 12.83 -10.13
N HIS A 216 1.06 14.02 -9.68
CA HIS A 216 2.23 14.16 -8.80
C HIS A 216 2.13 13.26 -7.54
N VAL A 217 0.93 13.24 -6.89
CA VAL A 217 0.56 12.45 -5.70
C VAL A 217 0.73 10.94 -6.02
N ILE A 218 0.24 10.49 -7.21
CA ILE A 218 0.32 9.09 -7.71
C ILE A 218 1.76 8.72 -7.97
N ASP A 219 2.49 9.61 -8.66
CA ASP A 219 3.88 9.43 -9.02
C ASP A 219 4.82 9.25 -7.78
N ARG A 220 4.42 9.77 -6.58
CA ARG A 220 5.17 9.67 -5.31
C ARG A 220 5.38 8.21 -4.88
N TRP A 221 4.41 7.33 -5.23
CA TRP A 221 4.32 5.89 -4.93
C TRP A 221 5.15 5.02 -5.88
N LEU A 222 5.86 5.70 -6.80
CA LEU A 222 6.81 5.10 -7.73
C LEU A 222 8.09 4.78 -6.88
N GLY A 223 8.52 3.53 -6.94
CA GLY A 223 9.68 3.07 -6.19
C GLY A 223 9.34 2.50 -4.82
N GLU A 224 8.09 2.74 -4.38
CA GLU A 224 7.59 2.26 -3.10
C GLU A 224 7.19 0.78 -3.18
N PRO A 225 7.42 0.00 -2.10
CA PRO A 225 7.11 -1.44 -2.14
C PRO A 225 5.62 -1.79 -2.10
N ILE A 226 4.89 -1.56 -3.21
CA ILE A 226 3.46 -1.86 -3.26
C ILE A 226 3.28 -3.34 -3.54
N LYS A 227 2.65 -4.03 -2.59
CA LYS A 227 2.39 -5.48 -2.68
C LYS A 227 0.90 -5.76 -2.86
N ALA A 228 0.03 -4.77 -2.52
CA ALA A 228 -1.43 -4.83 -2.68
C ALA A 228 -2.05 -3.49 -3.03
N ALA A 229 -3.19 -3.50 -3.79
CA ALA A 229 -4.01 -2.34 -4.15
C ALA A 229 -5.46 -2.66 -3.72
N ILE A 230 -6.02 -1.82 -2.82
CA ILE A 230 -7.37 -1.98 -2.27
C ILE A 230 -8.38 -1.16 -3.05
N LEU A 231 -9.34 -1.86 -3.65
CA LEU A 231 -10.39 -1.29 -4.48
C LEU A 231 -11.73 -1.37 -3.78
N PRO A 232 -12.30 -0.25 -3.29
CA PRO A 232 -13.63 -0.30 -2.69
C PRO A 232 -14.67 -0.42 -3.80
N THR A 233 -15.79 -1.12 -3.54
CA THR A 233 -16.88 -1.30 -4.51
C THR A 233 -17.55 0.05 -4.87
N SER A 234 -17.49 1.03 -3.91
CA SER A 234 -18.01 2.39 -4.00
C SER A 234 -17.29 3.30 -5.05
N ILE A 235 -16.09 2.90 -5.55
CA ILE A 235 -15.37 3.68 -6.57
C ILE A 235 -15.85 3.29 -8.00
N PHE A 236 -16.60 2.16 -8.11
CA PHE A 236 -17.11 1.67 -9.38
C PHE A 236 -18.33 2.44 -9.87
N LEU A 237 -18.33 2.70 -11.19
CA LEU A 237 -19.41 3.30 -11.96
C LEU A 237 -20.32 2.16 -12.42
N THR A 238 -21.45 2.49 -13.04
CA THR A 238 -22.40 1.51 -13.57
C THR A 238 -22.53 1.75 -15.08
N ASN A 239 -22.34 0.70 -15.87
CA ASN A 239 -22.50 0.81 -17.33
C ASN A 239 -23.97 0.55 -17.70
N LYS A 240 -24.30 0.73 -19.00
CA LYS A 240 -25.65 0.54 -19.56
C LYS A 240 -26.33 -0.75 -19.06
N LYS A 241 -25.61 -1.86 -19.12
CA LYS A 241 -26.11 -3.16 -18.73
C LYS A 241 -26.25 -3.36 -17.19
N GLY A 242 -25.87 -2.35 -16.41
CA GLY A 242 -25.98 -2.36 -14.94
C GLY A 242 -24.85 -3.04 -14.18
N PHE A 243 -23.68 -3.21 -14.84
CA PHE A 243 -22.50 -3.87 -14.28
C PHE A 243 -21.46 -2.88 -13.73
N PRO A 244 -20.69 -3.27 -12.68
CA PRO A 244 -19.64 -2.38 -12.17
C PRO A 244 -18.42 -2.23 -13.10
N VAL A 245 -18.09 -0.97 -13.40
CA VAL A 245 -16.96 -0.58 -14.25
C VAL A 245 -16.16 0.55 -13.58
N LEU A 246 -15.00 0.92 -14.15
CA LEU A 246 -14.18 2.03 -13.64
C LEU A 246 -14.00 3.15 -14.67
N SER A 247 -13.72 4.38 -14.17
CA SER A 247 -13.44 5.55 -15.00
C SER A 247 -12.15 5.28 -15.77
N LYS A 248 -11.93 6.01 -16.88
CA LYS A 248 -10.73 5.82 -17.68
C LYS A 248 -9.44 6.15 -16.90
N MET A 249 -9.53 7.13 -15.99
CA MET A 249 -8.46 7.56 -15.12
C MET A 249 -8.05 6.43 -14.16
N HIS A 250 -9.06 5.76 -13.58
CA HIS A 250 -8.92 4.62 -12.67
C HIS A 250 -8.33 3.43 -13.38
N GLN A 251 -8.78 3.15 -14.62
CA GLN A 251 -8.27 2.07 -15.48
C GLN A 251 -6.78 2.24 -15.74
N ARG A 252 -6.34 3.51 -16.03
CA ARG A 252 -4.95 3.90 -16.29
C ARG A 252 -4.03 3.47 -15.13
N LEU A 253 -4.47 3.77 -13.88
CA LEU A 253 -3.77 3.41 -12.64
C LEU A 253 -3.70 1.91 -12.45
N ILE A 254 -4.82 1.18 -12.72
CA ILE A 254 -4.87 -0.28 -12.63
C ILE A 254 -3.81 -0.87 -13.55
N PHE A 255 -3.69 -0.36 -14.80
CA PHE A 255 -2.67 -0.81 -15.77
C PHE A 255 -1.24 -0.56 -15.28
N ARG A 256 -1.03 0.58 -14.59
CA ARG A 256 0.27 0.92 -13.99
C ARG A 256 0.56 -0.08 -12.85
N LEU A 257 -0.46 -0.37 -12.00
CA LEU A 257 -0.34 -1.33 -10.90
C LEU A 257 -0.14 -2.77 -11.38
N LEU A 258 -0.68 -3.12 -12.55
CA LEU A 258 -0.49 -4.44 -13.11
C LEU A 258 0.96 -4.62 -13.59
N LYS A 259 1.69 -3.51 -13.94
CA LYS A 259 3.13 -3.58 -14.31
C LYS A 259 3.97 -3.91 -13.04
N LEU A 260 3.51 -3.49 -11.86
CA LEU A 260 4.17 -3.80 -10.60
C LEU A 260 3.79 -5.19 -10.08
N GLU A 261 2.78 -5.83 -10.71
CA GLU A 261 2.30 -7.17 -10.36
C GLU A 261 1.81 -7.20 -8.89
N VAL A 262 0.97 -6.23 -8.53
CA VAL A 262 0.41 -6.18 -7.19
C VAL A 262 -0.76 -7.17 -7.04
N GLN A 263 -1.16 -7.46 -5.80
CA GLN A 263 -2.32 -8.30 -5.55
C GLN A 263 -3.49 -7.33 -5.34
N PHE A 264 -4.65 -7.60 -5.98
CA PHE A 264 -5.79 -6.70 -5.89
C PHE A 264 -6.80 -7.15 -4.84
N ILE A 265 -7.22 -6.20 -3.97
CA ILE A 265 -8.16 -6.49 -2.88
C ILE A 265 -9.47 -5.75 -3.07
N ILE A 266 -10.62 -6.48 -3.13
CA ILE A 266 -11.95 -5.89 -3.27
C ILE A 266 -12.57 -5.82 -1.89
N THR A 267 -12.86 -4.58 -1.45
CA THR A 267 -13.45 -4.26 -0.15
C THR A 267 -14.81 -3.61 -0.35
N GLY A 268 -15.65 -3.67 0.68
CA GLY A 268 -16.98 -3.08 0.67
C GLY A 268 -18.10 -4.01 0.27
N THR A 269 -19.33 -3.56 0.46
CA THR A 269 -20.54 -4.32 0.13
C THR A 269 -20.88 -4.24 -1.37
N ASN A 270 -21.84 -5.07 -1.82
CA ASN A 270 -22.31 -5.04 -3.19
C ASN A 270 -23.18 -3.77 -3.40
N HIS A 271 -22.75 -2.92 -4.33
CA HIS A 271 -23.49 -1.70 -4.63
C HIS A 271 -24.29 -1.83 -5.95
N HIS A 272 -24.10 -2.98 -6.62
CA HIS A 272 -24.76 -3.37 -7.86
C HIS A 272 -25.55 -4.65 -7.54
N SER A 273 -26.49 -4.55 -6.55
CA SER A 273 -27.31 -5.62 -5.94
C SER A 273 -28.05 -6.54 -6.91
N GLU A 274 -28.42 -6.03 -8.10
CA GLU A 274 -29.11 -6.81 -9.15
C GLU A 274 -28.18 -7.84 -9.81
N LYS A 275 -26.85 -7.64 -9.68
CA LYS A 275 -25.80 -8.53 -10.19
C LYS A 275 -25.15 -9.32 -9.04
N GLU A 276 -24.38 -10.36 -9.41
CA GLU A 276 -23.60 -11.20 -8.51
C GLU A 276 -22.37 -10.37 -8.06
N PHE A 277 -21.82 -10.67 -6.88
CA PHE A 277 -20.67 -9.93 -6.36
C PHE A 277 -19.42 -10.12 -7.22
N CYS A 278 -19.24 -11.32 -7.80
CA CYS A 278 -18.10 -11.67 -8.65
C CYS A 278 -17.92 -10.75 -9.88
N SER A 279 -18.93 -9.93 -10.23
CA SER A 279 -18.85 -9.02 -11.37
C SER A 279 -17.76 -7.98 -11.26
N TYR A 280 -17.43 -7.55 -10.00
CA TYR A 280 -16.36 -6.59 -9.66
C TYR A 280 -14.99 -7.21 -10.05
N LEU A 281 -14.79 -8.50 -9.70
CA LEU A 281 -13.58 -9.28 -9.99
C LEU A 281 -13.48 -9.64 -11.49
N GLN A 282 -14.65 -9.84 -12.14
CA GLN A 282 -14.73 -10.19 -13.56
C GLN A 282 -14.23 -8.99 -14.35
N TYR A 283 -14.59 -7.79 -13.91
CA TYR A 283 -14.16 -6.56 -14.55
C TYR A 283 -12.64 -6.43 -14.44
N LEU A 284 -12.12 -6.63 -13.22
CA LEU A 284 -10.70 -6.55 -12.89
C LEU A 284 -9.92 -7.52 -13.77
N GLU A 285 -10.45 -8.77 -13.93
CA GLU A 285 -9.84 -9.81 -14.77
C GLU A 285 -9.85 -9.43 -16.24
N TYR A 286 -10.86 -8.68 -16.68
CA TYR A 286 -10.95 -8.20 -18.06
C TYR A 286 -9.84 -7.18 -18.38
N LEU A 287 -9.57 -6.23 -17.43
CA LEU A 287 -8.53 -5.22 -17.55
C LEU A 287 -7.17 -5.92 -17.60
N SER A 288 -7.04 -7.00 -16.81
CA SER A 288 -5.83 -7.83 -16.74
C SER A 288 -5.58 -8.56 -18.08
N GLN A 289 -6.66 -9.04 -18.73
CA GLN A 289 -6.61 -9.74 -20.01
C GLN A 289 -6.34 -8.75 -21.18
N ASN A 290 -6.87 -7.53 -21.08
CA ASN A 290 -6.75 -6.52 -22.13
C ASN A 290 -5.64 -5.50 -21.87
N ARG A 291 -4.46 -5.98 -21.46
CA ARG A 291 -3.30 -5.12 -21.21
C ARG A 291 -2.20 -5.31 -22.28
N PRO A 292 -1.41 -4.25 -22.66
CA PRO A 292 -0.37 -4.40 -23.71
C PRO A 292 0.60 -5.57 -23.50
N PRO A 293 1.06 -6.22 -24.60
CA PRO A 293 1.93 -7.40 -24.46
C PRO A 293 3.42 -7.09 -24.20
N PRO A 294 4.24 -8.07 -23.74
CA PRO A 294 5.66 -7.75 -23.54
C PRO A 294 6.49 -7.81 -24.82
N ASN A 295 7.28 -6.75 -25.08
CA ASN A 295 8.17 -6.67 -26.25
C ASN A 295 9.38 -7.64 -26.10
N ALA A 296 10.30 -7.64 -27.09
CA ALA A 296 11.50 -8.51 -27.07
C ALA A 296 12.36 -8.30 -25.81
N TYR A 297 12.54 -7.02 -25.38
CA TYR A 297 13.29 -6.63 -24.18
C TYR A 297 12.53 -7.05 -22.91
N GLU A 298 11.23 -6.67 -22.81
CA GLU A 298 10.33 -7.02 -21.69
C GLU A 298 10.19 -8.56 -21.47
N LEU A 299 10.38 -9.35 -22.55
CA LEU A 299 10.33 -10.82 -22.60
C LEU A 299 11.66 -11.39 -22.10
N PHE A 300 12.78 -10.78 -22.55
CA PHE A 300 14.17 -11.15 -22.18
C PHE A 300 14.46 -10.82 -20.71
N ALA A 301 14.19 -9.57 -20.28
CA ALA A 301 14.41 -9.03 -18.95
C ALA A 301 13.52 -9.62 -17.85
N LYS A 302 12.44 -10.35 -18.26
CA LYS A 302 11.51 -11.05 -17.37
C LYS A 302 12.31 -12.00 -16.46
N GLY A 303 12.19 -11.78 -15.15
CA GLY A 303 12.92 -12.54 -14.14
C GLY A 303 14.11 -11.80 -13.56
N TYR A 304 14.54 -10.71 -14.23
CA TYR A 304 15.67 -9.89 -13.81
C TYR A 304 15.30 -8.58 -13.15
N GLU A 305 13.98 -8.35 -12.98
CA GLU A 305 13.39 -7.16 -12.37
C GLU A 305 13.98 -6.93 -10.98
N ASP A 306 14.74 -5.80 -10.83
CA ASP A 306 15.41 -5.34 -9.60
C ASP A 306 16.38 -6.39 -8.98
N TYR A 307 16.93 -7.26 -9.83
CA TYR A 307 17.89 -8.28 -9.45
C TYR A 307 19.28 -7.66 -9.61
N LEU A 308 20.00 -7.50 -8.48
CA LEU A 308 21.33 -6.88 -8.45
C LEU A 308 22.43 -7.82 -8.85
N GLN A 309 23.34 -7.34 -9.70
CA GLN A 309 24.49 -8.12 -10.17
C GLN A 309 25.76 -7.28 -10.10
N SER A 310 26.91 -7.97 -10.06
CA SER A 310 28.23 -7.33 -10.05
C SER A 310 28.53 -6.98 -11.50
N PRO A 311 28.99 -5.73 -11.79
CA PRO A 311 29.33 -5.39 -13.18
C PRO A 311 30.53 -6.24 -13.63
N LEU A 312 30.41 -6.79 -14.87
CA LEU A 312 31.40 -7.66 -15.49
C LEU A 312 32.67 -6.95 -15.83
N GLN A 313 33.80 -7.66 -15.64
CA GLN A 313 35.17 -7.20 -15.88
C GLN A 313 35.89 -8.12 -16.90
N PRO A 314 35.57 -8.03 -18.24
CA PRO A 314 36.20 -8.93 -19.23
C PRO A 314 37.73 -8.77 -19.41
N LEU A 315 38.33 -7.70 -18.85
CA LEU A 315 39.77 -7.49 -18.92
C LEU A 315 40.49 -8.31 -17.82
N MET A 316 40.04 -8.15 -16.57
CA MET A 316 40.60 -8.85 -15.41
C MET A 316 40.22 -10.35 -15.38
N ASP A 317 38.99 -10.70 -15.81
CA ASP A 317 38.47 -12.07 -15.85
C ASP A 317 38.22 -12.60 -17.27
N ASN A 318 38.40 -13.91 -17.45
CA ASN A 318 38.14 -14.56 -18.72
C ASN A 318 36.68 -15.02 -18.69
N LEU A 319 35.83 -14.43 -19.57
CA LEU A 319 34.39 -14.76 -19.64
C LEU A 319 34.13 -16.23 -20.02
N GLU A 320 33.06 -16.82 -19.47
CA GLU A 320 32.66 -18.21 -19.76
C GLU A 320 32.07 -18.28 -21.18
N SER A 321 31.95 -19.49 -21.74
CA SER A 321 31.40 -19.75 -23.07
C SER A 321 29.92 -19.27 -23.15
N GLN A 322 29.10 -19.52 -22.07
CA GLN A 322 27.67 -19.15 -21.91
C GLN A 322 27.43 -17.62 -21.92
N THR A 323 28.41 -16.83 -21.38
CA THR A 323 28.40 -15.37 -21.35
C THR A 323 28.55 -14.84 -22.78
N TYR A 324 29.46 -15.43 -23.58
CA TYR A 324 29.66 -15.06 -24.98
C TYR A 324 28.42 -15.43 -25.81
N GLU A 325 27.84 -16.63 -25.53
CA GLU A 325 26.64 -17.16 -26.18
C GLU A 325 25.43 -16.24 -25.99
N VAL A 326 25.30 -15.57 -24.82
CA VAL A 326 24.19 -14.63 -24.56
C VAL A 326 24.44 -13.25 -25.21
N PHE A 327 25.71 -12.81 -25.39
CA PHE A 327 26.07 -11.57 -26.11
C PHE A 327 25.67 -11.73 -27.57
N GLU A 328 25.92 -12.93 -28.14
CA GLU A 328 25.65 -13.31 -29.53
C GLU A 328 24.15 -13.44 -29.87
N LYS A 329 23.28 -13.52 -28.85
CA LYS A 329 21.82 -13.61 -28.96
C LYS A 329 21.18 -12.24 -29.34
N ASP A 330 21.97 -11.14 -29.33
CA ASP A 330 21.56 -9.76 -29.66
C ASP A 330 21.96 -9.40 -31.11
N PRO A 331 21.02 -9.58 -32.08
CA PRO A 331 21.38 -9.36 -33.49
C PRO A 331 21.57 -7.91 -33.85
N ILE A 332 20.74 -7.02 -33.23
CA ILE A 332 20.71 -5.56 -33.37
C ILE A 332 22.12 -4.97 -33.21
N LYS A 333 22.89 -5.47 -32.23
CA LYS A 333 24.25 -5.02 -31.97
C LYS A 333 25.19 -5.28 -33.14
N TYR A 334 25.22 -6.52 -33.65
CA TYR A 334 26.14 -6.86 -34.73
C TYR A 334 25.68 -6.33 -36.07
N SER A 335 24.36 -6.23 -36.29
CA SER A 335 23.87 -5.64 -37.54
C SER A 335 24.31 -4.15 -37.61
N GLN A 336 24.36 -3.47 -36.44
CA GLN A 336 24.83 -2.09 -36.32
C GLN A 336 26.33 -2.01 -36.58
N TYR A 337 27.10 -2.96 -36.04
CA TYR A 337 28.54 -2.99 -36.23
C TYR A 337 28.90 -3.24 -37.69
N GLN A 338 28.20 -4.20 -38.35
CA GLN A 338 28.39 -4.57 -39.75
C GLN A 338 28.16 -3.35 -40.62
N GLN A 339 27.03 -2.65 -40.39
CA GLN A 339 26.63 -1.45 -41.11
C GLN A 339 27.67 -0.35 -40.99
N ALA A 340 28.27 -0.16 -39.80
CA ALA A 340 29.29 0.85 -39.51
C ALA A 340 30.59 0.54 -40.23
N ILE A 341 30.97 -0.75 -40.30
CA ILE A 341 32.17 -1.23 -40.99
C ILE A 341 31.96 -1.04 -42.52
N TYR A 342 30.79 -1.46 -43.04
CA TYR A 342 30.41 -1.34 -44.45
C TYR A 342 30.55 0.11 -44.95
N LYS A 343 29.93 1.08 -44.24
CA LYS A 343 29.91 2.54 -44.47
C LYS A 343 31.33 3.14 -44.45
N CYS A 344 32.20 2.66 -43.54
CA CYS A 344 33.58 3.11 -43.39
C CYS A 344 34.45 2.62 -44.53
N LEU A 345 34.11 1.42 -45.06
CA LEU A 345 34.84 0.76 -46.14
C LEU A 345 34.63 1.51 -47.44
N LEU A 346 33.40 1.98 -47.67
CA LEU A 346 33.08 2.75 -48.84
C LEU A 346 33.72 4.15 -48.80
N ASP A 347 33.96 4.71 -47.60
CA ASP A 347 34.60 6.01 -47.42
C ASP A 347 36.14 5.97 -47.49
N ARG A 348 36.73 4.76 -47.42
CA ARG A 348 38.18 4.57 -47.47
C ARG A 348 38.65 4.08 -48.82
N VAL A 349 37.79 3.30 -49.51
CA VAL A 349 38.07 2.72 -50.83
C VAL A 349 36.97 3.16 -51.85
N PRO A 350 37.32 4.06 -52.83
CA PRO A 350 36.33 4.44 -53.85
C PRO A 350 36.17 3.35 -54.92
N GLU A 351 34.96 3.24 -55.54
CA GLU A 351 34.57 2.23 -56.55
C GLU A 351 35.63 1.89 -57.63
N GLU A 352 36.52 2.83 -57.95
CA GLU A 352 37.59 2.64 -58.93
C GLU A 352 38.71 1.71 -58.39
N GLU A 353 39.00 1.81 -57.09
CA GLU A 353 40.04 1.02 -56.41
C GLU A 353 39.50 -0.29 -55.77
N LYS A 354 38.20 -0.58 -56.02
CA LYS A 354 37.36 -1.70 -55.54
C LYS A 354 38.13 -2.94 -55.11
N ASP A 355 38.70 -3.70 -56.08
CA ASP A 355 39.44 -4.93 -55.77
C ASP A 355 40.93 -4.82 -56.19
N THR A 356 41.52 -3.65 -55.87
CA THR A 356 42.92 -3.32 -56.13
C THR A 356 43.64 -2.96 -54.80
N ASN A 357 42.91 -2.43 -53.78
CA ASN A 357 43.43 -2.04 -52.44
C ASN A 357 42.78 -2.85 -51.30
N VAL A 358 43.66 -3.48 -50.46
CA VAL A 358 43.27 -4.32 -49.32
C VAL A 358 43.46 -3.57 -47.97
N GLN A 359 42.33 -3.40 -47.25
CA GLN A 359 42.24 -2.71 -45.97
C GLN A 359 42.57 -3.61 -44.79
N VAL A 360 43.53 -3.19 -43.95
CA VAL A 360 43.91 -3.92 -42.73
C VAL A 360 42.89 -3.58 -41.62
N LEU A 361 42.05 -4.57 -41.28
CA LEU A 361 41.04 -4.51 -40.23
C LEU A 361 41.44 -5.39 -39.02
N MET A 362 41.47 -4.78 -37.83
CA MET A 362 41.84 -5.47 -36.60
C MET A 362 40.71 -5.45 -35.60
N VAL A 363 40.17 -6.65 -35.29
CA VAL A 363 39.13 -6.85 -34.30
C VAL A 363 39.86 -7.05 -32.99
N LEU A 364 39.82 -6.03 -32.11
CA LEU A 364 40.51 -6.01 -30.80
C LEU A 364 39.56 -6.42 -29.66
N GLY A 365 39.75 -7.65 -29.17
CA GLY A 365 38.89 -8.33 -28.20
C GLY A 365 37.82 -9.06 -28.98
N ALA A 366 38.27 -9.95 -29.92
CA ALA A 366 37.45 -10.67 -30.89
C ALA A 366 36.42 -11.67 -30.31
N GLY A 367 36.58 -12.06 -29.03
CA GLY A 367 35.71 -12.98 -28.31
C GLY A 367 35.66 -14.32 -28.99
N ARG A 368 34.44 -14.80 -29.30
CA ARG A 368 34.25 -16.07 -30.01
C ARG A 368 34.15 -15.86 -31.55
N GLY A 369 34.33 -14.59 -31.96
CA GLY A 369 34.37 -14.14 -33.35
C GLY A 369 33.15 -13.51 -34.02
N PRO A 370 32.07 -13.07 -33.32
CA PRO A 370 30.93 -12.50 -34.06
C PRO A 370 31.24 -11.21 -34.79
N LEU A 371 32.21 -10.44 -34.27
CA LEU A 371 32.68 -9.19 -34.89
C LEU A 371 33.55 -9.49 -36.13
N VAL A 372 34.24 -10.64 -36.13
CA VAL A 372 35.05 -11.09 -37.26
C VAL A 372 34.11 -11.41 -38.45
N ASN A 373 33.01 -12.09 -38.15
CA ASN A 373 31.99 -12.45 -39.13
C ASN A 373 31.26 -11.21 -39.59
N ALA A 374 31.04 -10.22 -38.70
CA ALA A 374 30.39 -8.95 -39.05
C ALA A 374 31.28 -8.17 -40.03
N SER A 375 32.60 -8.15 -39.79
CA SER A 375 33.60 -7.50 -40.65
C SER A 375 33.70 -8.17 -42.03
N LEU A 376 33.48 -9.48 -42.09
CA LEU A 376 33.51 -10.25 -43.34
C LEU A 376 32.23 -10.02 -44.14
N ARG A 377 31.05 -10.00 -43.46
CA ARG A 377 29.75 -9.73 -44.09
C ARG A 377 29.73 -8.31 -44.72
N ALA A 378 30.35 -7.34 -44.00
CA ALA A 378 30.49 -5.93 -44.37
C ALA A 378 31.38 -5.75 -45.61
N ALA A 379 32.54 -6.45 -45.68
CA ALA A 379 33.50 -6.39 -46.81
C ALA A 379 32.92 -6.98 -48.09
N LYS A 380 32.09 -8.04 -47.94
CA LYS A 380 31.41 -8.70 -49.05
C LYS A 380 30.24 -7.83 -49.55
N GLN A 381 29.50 -7.18 -48.63
CA GLN A 381 28.37 -6.34 -49.05
C GLN A 381 28.84 -5.01 -49.68
N ALA A 382 30.02 -4.50 -49.26
CA ALA A 382 30.62 -3.27 -49.76
C ALA A 382 31.41 -3.54 -51.04
N ASP A 383 31.77 -4.80 -51.29
CA ASP A 383 32.59 -5.25 -52.42
C ASP A 383 33.97 -4.61 -52.35
N ARG A 384 34.64 -4.82 -51.21
CA ARG A 384 35.98 -4.32 -50.94
C ARG A 384 36.85 -5.47 -50.44
N ARG A 385 38.19 -5.26 -50.49
CA ARG A 385 39.17 -6.25 -50.04
C ARG A 385 39.68 -5.92 -48.60
N ILE A 386 39.59 -6.91 -47.67
CA ILE A 386 40.03 -6.78 -46.25
C ILE A 386 40.96 -7.94 -45.80
N LYS A 387 41.97 -7.60 -44.97
CA LYS A 387 42.90 -8.56 -44.33
C LYS A 387 42.61 -8.40 -42.83
N LEU A 388 41.98 -9.44 -42.22
CA LEU A 388 41.57 -9.45 -40.81
C LEU A 388 42.56 -10.02 -39.80
N TYR A 389 42.62 -9.34 -38.66
CA TYR A 389 43.39 -9.78 -37.51
C TYR A 389 42.38 -9.91 -36.39
N ALA A 390 42.38 -11.05 -35.66
CA ALA A 390 41.46 -11.28 -34.53
C ALA A 390 42.25 -11.40 -33.25
N VAL A 391 42.40 -10.28 -32.52
CA VAL A 391 43.14 -10.19 -31.25
C VAL A 391 42.22 -10.54 -30.05
N GLU A 392 42.65 -11.54 -29.25
CA GLU A 392 41.93 -12.03 -28.08
C GLU A 392 42.90 -12.48 -27.00
N LYS A 393 42.76 -11.93 -25.79
CA LYS A 393 43.63 -12.28 -24.65
C LYS A 393 43.21 -13.59 -23.96
N ASN A 394 41.87 -13.79 -23.81
CA ASN A 394 41.23 -14.95 -23.17
C ASN A 394 41.63 -16.24 -23.95
N PRO A 395 42.51 -17.09 -23.38
CA PRO A 395 42.97 -18.29 -24.13
C PRO A 395 41.87 -19.28 -24.47
N ASN A 396 40.79 -19.27 -23.68
CA ASN A 396 39.66 -20.19 -23.83
C ASN A 396 38.91 -19.85 -25.10
N ALA A 397 38.62 -18.53 -25.29
CA ALA A 397 37.99 -17.93 -26.47
C ALA A 397 38.93 -18.12 -27.70
N VAL A 398 40.27 -18.05 -27.50
CA VAL A 398 41.28 -18.30 -28.54
C VAL A 398 41.07 -19.70 -29.14
N VAL A 399 40.65 -20.68 -28.32
CA VAL A 399 40.41 -22.05 -28.82
C VAL A 399 39.22 -22.05 -29.80
N THR A 400 38.15 -21.27 -29.47
CA THR A 400 36.97 -21.11 -30.31
C THR A 400 37.39 -20.47 -31.63
N LEU A 401 38.22 -19.41 -31.54
CA LEU A 401 38.76 -18.61 -32.66
C LEU A 401 39.62 -19.41 -33.62
N GLU A 402 40.60 -20.15 -33.09
CA GLU A 402 41.54 -20.95 -33.85
C GLU A 402 40.89 -22.11 -34.55
N ASN A 403 39.77 -22.62 -33.99
CA ASN A 403 38.98 -23.69 -34.59
C ASN A 403 38.13 -23.10 -35.74
N TRP A 404 37.54 -21.87 -35.54
CA TRP A 404 36.76 -21.17 -36.56
C TRP A 404 37.64 -20.83 -37.73
N GLN A 405 38.88 -20.35 -37.44
CA GLN A 405 39.90 -19.93 -38.40
C GLN A 405 40.23 -21.07 -39.33
N PHE A 406 40.64 -22.21 -38.77
CA PHE A 406 41.01 -23.40 -39.51
C PHE A 406 39.85 -23.97 -40.32
N GLU A 407 38.68 -24.13 -39.70
CA GLU A 407 37.51 -24.70 -40.38
C GLU A 407 36.87 -23.82 -41.43
N GLU A 408 36.70 -22.50 -41.18
CA GLU A 408 35.98 -21.61 -42.08
C GLU A 408 36.75 -20.41 -42.66
N TRP A 409 37.38 -19.60 -41.81
CA TRP A 409 38.01 -18.34 -42.20
C TRP A 409 39.22 -18.45 -43.12
N GLY A 410 40.13 -19.35 -42.82
CA GLY A 410 41.34 -19.50 -43.61
C GLY A 410 42.37 -18.43 -43.34
N SER A 411 43.36 -18.31 -44.24
CA SER A 411 44.49 -17.36 -44.19
C SER A 411 44.08 -15.88 -44.16
N GLN A 412 42.82 -15.55 -44.59
CA GLN A 412 42.27 -14.19 -44.58
C GLN A 412 42.26 -13.60 -43.17
N VAL A 413 42.00 -14.46 -42.14
CA VAL A 413 41.94 -14.13 -40.71
C VAL A 413 43.17 -14.67 -39.96
N THR A 414 43.89 -13.77 -39.28
CA THR A 414 45.04 -14.13 -38.48
C THR A 414 44.65 -14.01 -37.01
N VAL A 415 44.53 -15.15 -36.30
CA VAL A 415 44.16 -15.18 -34.89
C VAL A 415 45.38 -14.85 -34.03
N VAL A 416 45.28 -13.79 -33.20
CA VAL A 416 46.36 -13.35 -32.31
C VAL A 416 45.98 -13.53 -30.84
N SER A 417 46.66 -14.42 -30.12
CA SER A 417 46.41 -14.64 -28.70
C SER A 417 47.31 -13.70 -27.91
N SER A 418 46.78 -12.49 -27.68
CA SER A 418 47.51 -11.44 -26.97
C SER A 418 46.59 -10.37 -26.41
N ASP A 419 47.11 -9.64 -25.38
CA ASP A 419 46.47 -8.44 -24.84
C ASP A 419 46.78 -7.38 -25.90
N MET A 420 45.75 -6.65 -26.38
CA MET A 420 45.90 -5.62 -27.43
C MET A 420 46.97 -4.55 -27.09
N ARG A 421 47.20 -4.32 -25.79
CA ARG A 421 48.20 -3.37 -25.28
C ARG A 421 49.62 -3.91 -25.40
N GLU A 422 49.80 -5.26 -25.32
CA GLU A 422 51.08 -5.98 -25.39
C GLU A 422 51.48 -6.43 -26.79
N TRP A 423 50.51 -6.59 -27.70
CA TRP A 423 50.73 -7.06 -29.05
C TRP A 423 51.63 -6.19 -29.94
N VAL A 424 52.65 -6.85 -30.56
CA VAL A 424 53.59 -6.28 -31.53
C VAL A 424 53.01 -6.65 -32.91
N ALA A 425 52.40 -5.65 -33.56
CA ALA A 425 51.74 -5.82 -34.86
C ALA A 425 52.71 -5.93 -36.04
N PRO A 426 52.45 -6.84 -37.02
CA PRO A 426 53.33 -6.92 -38.20
C PRO A 426 53.10 -5.80 -39.21
N GLU A 427 51.84 -5.31 -39.32
CA GLU A 427 51.36 -4.23 -40.20
C GLU A 427 50.60 -3.18 -39.36
N LYS A 428 50.32 -1.99 -39.93
CA LYS A 428 49.52 -0.95 -39.27
C LYS A 428 48.08 -1.10 -39.77
N ALA A 429 47.08 -0.69 -38.96
CA ALA A 429 45.68 -0.87 -39.31
C ALA A 429 44.98 0.34 -39.87
N ASP A 430 44.11 0.07 -40.84
CA ASP A 430 43.24 1.07 -41.47
C ASP A 430 42.03 1.27 -40.56
N ILE A 431 41.42 0.18 -40.07
CA ILE A 431 40.28 0.22 -39.15
C ILE A 431 40.50 -0.72 -37.95
N ILE A 432 40.19 -0.25 -36.73
CA ILE A 432 40.20 -1.05 -35.49
C ILE A 432 38.78 -1.19 -34.96
N VAL A 433 38.27 -2.42 -34.93
CA VAL A 433 36.89 -2.70 -34.49
C VAL A 433 36.90 -3.37 -33.09
N SER A 434 36.07 -2.88 -32.15
CA SER A 434 36.05 -3.40 -30.78
C SER A 434 34.69 -3.25 -30.14
N GLU A 435 34.39 -4.10 -29.14
CA GLU A 435 33.20 -3.98 -28.32
C GLU A 435 33.61 -4.19 -26.87
N LEU A 436 34.24 -3.16 -26.27
CA LEU A 436 34.78 -3.18 -24.89
C LEU A 436 33.95 -2.28 -23.96
N LEU A 437 32.67 -2.14 -24.28
CA LEU A 437 31.81 -1.21 -23.57
C LEU A 437 30.94 -1.83 -22.51
N GLY A 438 30.85 -1.15 -21.37
CA GLY A 438 30.03 -1.56 -20.25
C GLY A 438 28.74 -0.77 -20.26
N SER A 439 27.90 -0.98 -19.24
CA SER A 439 26.62 -0.26 -19.09
C SER A 439 26.83 1.22 -18.80
N PHE A 440 27.99 1.60 -18.28
CA PHE A 440 28.33 2.99 -18.03
C PHE A 440 29.49 3.42 -19.00
N ALA A 441 29.48 2.81 -20.22
CA ALA A 441 30.39 2.89 -21.37
C ALA A 441 31.81 2.43 -21.07
N ASP A 442 32.60 3.29 -20.42
CA ASP A 442 34.04 3.11 -20.09
C ASP A 442 34.37 2.21 -18.88
N ASN A 443 33.35 1.64 -18.17
CA ASN A 443 33.61 0.84 -16.97
C ASN A 443 34.31 -0.55 -17.21
N GLU A 444 34.44 -1.01 -18.48
CA GLU A 444 35.15 -2.26 -18.82
C GLU A 444 36.54 -1.88 -19.31
N LEU A 445 36.88 -0.60 -19.16
CA LEU A 445 38.19 0.02 -19.44
C LEU A 445 38.52 0.08 -20.92
N SER A 446 37.47 0.26 -21.77
CA SER A 446 37.62 0.46 -23.22
C SER A 446 38.66 1.59 -23.48
N PRO A 447 38.65 2.75 -22.75
CA PRO A 447 39.65 3.80 -23.04
C PRO A 447 41.10 3.35 -22.95
N GLU A 448 41.46 2.64 -21.85
CA GLU A 448 42.82 2.18 -21.57
C GLU A 448 43.32 1.18 -22.60
N CYS A 449 42.44 0.24 -22.94
CA CYS A 449 42.66 -0.81 -23.88
C CYS A 449 42.93 -0.24 -25.25
N LEU A 450 42.04 0.66 -25.73
CA LEU A 450 42.17 1.28 -27.05
C LEU A 450 43.34 2.27 -27.14
N ASP A 451 43.72 2.89 -26.01
CA ASP A 451 44.87 3.80 -25.97
C ASP A 451 46.18 3.03 -26.20
N GLY A 452 46.26 1.82 -25.62
CA GLY A 452 47.41 0.93 -25.78
C GLY A 452 47.58 0.49 -27.21
N ALA A 453 46.46 0.08 -27.83
CA ALA A 453 46.36 -0.40 -29.20
C ALA A 453 46.46 0.70 -30.28
N GLN A 454 46.36 1.96 -29.88
CA GLN A 454 46.35 3.14 -30.78
C GLN A 454 47.58 3.27 -31.67
N HIS A 455 48.74 2.84 -31.15
CA HIS A 455 50.01 2.95 -31.86
C HIS A 455 50.06 2.20 -33.19
N PHE A 456 49.37 1.05 -33.29
CA PHE A 456 49.40 0.27 -34.52
C PHE A 456 48.26 0.61 -35.50
N LEU A 457 47.67 1.79 -35.34
CA LEU A 457 46.63 2.29 -36.24
C LEU A 457 47.35 3.33 -37.11
N LYS A 458 47.15 3.27 -38.46
CA LYS A 458 47.68 4.22 -39.45
C LYS A 458 47.23 5.65 -39.07
N ASP A 459 48.01 6.70 -39.39
CA ASP A 459 47.66 8.08 -39.03
C ASP A 459 46.20 8.45 -39.35
N ASP A 460 45.76 8.15 -40.58
CA ASP A 460 44.42 8.38 -41.17
C ASP A 460 43.39 7.31 -40.74
N GLY A 461 43.85 6.36 -39.91
CA GLY A 461 43.06 5.25 -39.42
C GLY A 461 41.79 5.62 -38.66
N VAL A 462 40.76 4.78 -38.80
CA VAL A 462 39.46 4.91 -38.13
C VAL A 462 39.31 3.86 -36.96
N SER A 463 38.76 4.30 -35.79
CA SER A 463 38.37 3.43 -34.69
C SER A 463 36.84 3.35 -34.70
N ILE A 464 36.31 2.12 -34.69
CA ILE A 464 34.88 1.79 -34.59
C ILE A 464 34.70 1.00 -33.25
N PRO A 465 34.09 1.59 -32.19
CA PRO A 465 33.48 2.93 -32.10
C PRO A 465 34.46 4.10 -32.02
N GLY A 466 34.00 5.23 -32.57
CA GLY A 466 34.75 6.48 -32.58
C GLY A 466 34.53 7.25 -31.29
N GLU A 467 33.34 7.11 -30.70
CA GLU A 467 33.00 7.85 -29.50
C GLU A 467 31.99 7.15 -28.62
N TYR A 468 32.09 7.38 -27.30
CA TYR A 468 31.10 6.94 -26.33
C TYR A 468 30.97 7.97 -25.22
N THR A 469 29.76 8.04 -24.63
CA THR A 469 29.38 8.96 -23.58
C THR A 469 28.49 8.22 -22.57
N SER A 470 28.82 8.34 -21.27
CA SER A 470 28.00 7.79 -20.17
C SER A 470 26.98 8.86 -19.74
N PHE A 471 25.83 8.46 -19.17
CA PHE A 471 24.76 9.36 -18.75
C PHE A 471 24.28 8.99 -17.37
N LEU A 472 23.84 9.96 -16.60
CA LEU A 472 23.33 9.73 -15.23
C LEU A 472 22.00 10.47 -15.00
N ALA A 473 21.17 9.91 -14.09
CA ALA A 473 19.90 10.52 -13.70
C ALA A 473 19.61 10.08 -12.25
N PRO A 474 19.12 11.02 -11.39
CA PRO A 474 18.83 10.65 -9.98
C PRO A 474 17.59 9.79 -9.86
N ILE A 475 17.63 8.77 -8.99
CA ILE A 475 16.48 7.89 -8.85
C ILE A 475 16.05 7.74 -7.40
N SER A 476 14.74 7.50 -7.26
CA SER A 476 14.06 7.22 -6.02
C SER A 476 13.61 5.77 -6.12
N SER A 477 13.92 4.94 -5.12
CA SER A 477 13.48 3.56 -5.09
C SER A 477 13.86 2.99 -3.77
N SER A 478 12.88 2.83 -2.92
CA SER A 478 13.03 2.30 -1.57
C SER A 478 13.27 0.81 -1.61
N LYS A 479 12.76 0.13 -2.69
CA LYS A 479 12.98 -1.31 -2.90
C LYS A 479 14.45 -1.59 -3.20
N LEU A 480 15.04 -0.81 -4.13
CA LEU A 480 16.42 -0.98 -4.52
C LEU A 480 17.36 -0.60 -3.37
N TYR A 481 17.00 0.44 -2.58
CA TYR A 481 17.79 0.84 -1.42
C TYR A 481 17.87 -0.32 -0.45
N ASN A 482 16.74 -1.03 -0.26
CA ASN A 482 16.66 -2.18 0.63
C ASN A 482 17.45 -3.38 0.11
N GLU A 483 17.45 -3.58 -1.21
CA GLU A 483 18.17 -4.63 -1.93
C GLU A 483 19.67 -4.45 -1.73
N VAL A 484 20.19 -3.20 -1.94
CA VAL A 484 21.61 -2.85 -1.77
C VAL A 484 22.07 -3.07 -0.34
N ARG A 485 21.29 -2.57 0.62
CA ARG A 485 21.49 -2.73 2.06
C ARG A 485 21.74 -4.21 2.40
N ALA A 486 20.88 -5.11 1.85
CA ALA A 486 20.95 -6.57 2.03
C ALA A 486 22.21 -7.23 1.47
N CYS A 487 23.10 -6.43 0.84
CA CYS A 487 24.37 -6.94 0.31
C CYS A 487 25.49 -6.80 1.33
N ARG A 488 25.18 -6.49 2.62
CA ARG A 488 26.24 -6.43 3.61
C ARG A 488 26.83 -7.83 3.74
N GLU A 489 28.15 -7.90 3.70
CA GLU A 489 28.89 -9.15 3.78
C GLU A 489 29.80 -9.13 4.98
N LYS A 490 30.08 -10.31 5.51
CA LYS A 490 31.02 -10.52 6.60
C LYS A 490 32.41 -10.23 5.99
N ASP A 491 33.43 -10.05 6.84
CA ASP A 491 34.83 -9.84 6.42
C ASP A 491 35.11 -8.61 5.51
N ARG A 492 34.22 -7.64 5.48
CA ARG A 492 34.41 -6.42 4.68
C ARG A 492 33.68 -5.23 5.32
N ASP A 493 34.07 -3.98 4.98
CA ASP A 493 33.45 -2.74 5.47
C ASP A 493 31.93 -2.91 5.50
N PRO A 494 31.26 -2.65 6.64
CA PRO A 494 29.81 -2.87 6.70
C PRO A 494 28.96 -1.98 5.78
N GLU A 495 29.59 -1.02 5.07
CA GLU A 495 28.92 -0.11 4.15
C GLU A 495 29.50 -0.20 2.73
N ALA A 496 30.35 -1.21 2.47
CA ALA A 496 31.01 -1.40 1.17
C ALA A 496 30.02 -1.52 0.03
N GLN A 497 28.88 -2.17 0.26
CA GLN A 497 27.81 -2.43 -0.70
C GLN A 497 27.21 -1.14 -1.30
N PHE A 498 27.32 -0.02 -0.58
CA PHE A 498 26.79 1.24 -1.06
C PHE A 498 27.81 2.00 -1.90
N GLU A 499 29.09 1.56 -1.84
CA GLU A 499 30.22 2.19 -2.53
C GLU A 499 30.65 1.43 -3.79
N MET A 500 29.68 0.82 -4.49
CA MET A 500 29.94 0.06 -5.69
C MET A 500 28.75 0.00 -6.62
N PRO A 501 28.96 0.05 -7.96
CA PRO A 501 27.81 -0.02 -8.87
C PRO A 501 27.21 -1.42 -9.01
N TYR A 502 25.95 -1.51 -9.46
CA TYR A 502 25.28 -2.80 -9.71
C TYR A 502 24.64 -2.76 -11.06
N VAL A 503 24.84 -3.79 -11.88
CA VAL A 503 24.12 -3.89 -13.16
C VAL A 503 22.75 -4.44 -12.73
N VAL A 504 21.69 -3.70 -13.07
CA VAL A 504 20.35 -4.09 -12.64
C VAL A 504 19.29 -3.64 -13.62
N ARG A 505 18.32 -4.54 -13.89
CA ARG A 505 17.15 -4.21 -14.70
C ARG A 505 16.17 -3.52 -13.74
N LEU A 506 16.32 -2.18 -13.61
CA LEU A 506 15.52 -1.31 -12.74
C LEU A 506 14.05 -1.43 -13.11
N HIS A 507 13.25 -1.87 -12.14
CA HIS A 507 11.82 -2.05 -12.33
C HIS A 507 11.04 -1.12 -11.40
N ASN A 508 11.03 -1.41 -10.09
CA ASN A 508 10.32 -0.66 -9.07
C ASN A 508 11.16 0.58 -8.64
N PHE A 509 11.11 1.64 -9.45
CA PHE A 509 11.85 2.88 -9.23
C PHE A 509 11.13 4.12 -9.82
N HIS A 510 11.68 5.33 -9.55
CA HIS A 510 11.24 6.62 -10.04
C HIS A 510 12.43 7.48 -10.47
N GLN A 511 12.47 7.89 -11.75
CA GLN A 511 13.51 8.78 -12.23
C GLN A 511 13.10 10.21 -11.79
N LEU A 512 13.99 10.89 -11.05
CA LEU A 512 13.69 12.21 -10.48
C LEU A 512 14.06 13.38 -11.39
N SER A 513 14.84 13.16 -12.45
CA SER A 513 15.25 14.20 -13.40
C SER A 513 15.80 13.52 -14.65
N ALA A 514 15.89 14.26 -15.75
CA ALA A 514 16.34 13.78 -17.06
C ALA A 514 17.82 13.42 -17.10
N PRO A 515 18.19 12.32 -17.82
CA PRO A 515 19.62 11.96 -17.92
C PRO A 515 20.46 13.02 -18.61
N GLN A 516 21.66 13.26 -18.07
CA GLN A 516 22.64 14.23 -18.51
C GLN A 516 23.95 13.51 -18.77
N PRO A 517 24.74 13.92 -19.79
CA PRO A 517 26.01 13.24 -20.05
C PRO A 517 26.99 13.45 -18.93
N CYS A 518 27.72 12.37 -18.59
CA CYS A 518 28.71 12.33 -17.53
C CYS A 518 30.13 12.35 -18.12
N PHE A 519 30.68 11.18 -18.58
CA PHE A 519 32.03 11.12 -19.16
C PHE A 519 32.02 10.72 -20.63
N THR A 520 32.90 11.37 -21.42
CA THR A 520 33.01 11.13 -22.87
C THR A 520 34.42 10.77 -23.25
N PHE A 521 34.53 9.75 -24.13
CA PHE A 521 35.79 9.31 -24.68
C PHE A 521 35.68 9.26 -26.20
N SER A 522 36.81 9.62 -26.86
CA SER A 522 36.95 9.65 -28.31
C SER A 522 38.19 8.91 -28.78
N HIS A 523 38.02 8.11 -29.86
CA HIS A 523 39.06 7.27 -30.46
C HIS A 523 39.23 7.45 -31.97
N PRO A 524 40.47 7.69 -32.46
CA PRO A 524 41.74 7.77 -31.72
C PRO A 524 41.88 9.01 -30.85
N ASN A 525 42.75 8.94 -29.83
CA ASN A 525 43.02 10.02 -28.89
C ASN A 525 44.25 10.82 -29.33
N ARG A 526 43.98 11.82 -30.17
CA ARG A 526 44.92 12.75 -30.75
C ARG A 526 45.15 13.99 -29.82
N ASP A 527 45.99 13.76 -28.78
CA ASP A 527 46.42 14.75 -27.77
C ASP A 527 47.75 14.26 -27.12
N PRO A 528 48.74 15.14 -26.81
CA PRO A 528 50.03 14.66 -26.27
C PRO A 528 49.94 14.05 -24.87
N MET A 529 49.37 14.79 -23.89
CA MET A 529 49.20 14.23 -22.57
C MET A 529 47.77 13.66 -22.42
N ILE A 530 47.66 12.38 -22.81
CA ILE A 530 46.43 11.58 -22.76
C ILE A 530 46.08 11.34 -21.30
N ASP A 531 44.89 11.84 -20.84
CA ASP A 531 44.43 11.59 -19.48
C ASP A 531 42.98 11.11 -19.48
N ASN A 532 42.77 9.85 -19.04
CA ASN A 532 41.47 9.19 -18.97
C ASN A 532 40.79 9.45 -17.64
N ASN A 533 41.42 10.26 -16.76
CA ASN A 533 40.81 10.67 -15.50
C ASN A 533 39.81 11.79 -15.81
N ARG A 534 38.75 11.86 -15.02
CA ARG A 534 37.68 12.82 -15.20
C ARG A 534 37.04 13.26 -13.88
N TYR A 535 36.42 14.44 -13.88
CA TYR A 535 35.68 15.04 -12.77
C TYR A 535 34.55 15.80 -13.43
N CYS A 536 33.33 15.46 -13.06
CA CYS A 536 32.15 16.04 -13.67
C CYS A 536 31.13 16.43 -12.63
N THR A 537 30.53 17.61 -12.77
CA THR A 537 29.49 18.08 -11.86
C THR A 537 28.15 18.12 -12.62
N LEU A 538 27.14 17.46 -12.04
CA LEU A 538 25.81 17.41 -12.64
C LEU A 538 24.75 18.01 -11.72
N GLU A 539 23.95 18.93 -12.28
CA GLU A 539 22.87 19.65 -11.61
C GLU A 539 21.54 19.21 -12.21
N PHE A 540 20.76 18.51 -11.37
CA PHE A 540 19.47 17.90 -11.69
C PHE A 540 18.27 18.63 -11.09
N PRO A 541 17.54 19.46 -11.91
CA PRO A 541 16.35 20.15 -11.40
C PRO A 541 15.26 19.15 -11.09
N VAL A 542 14.73 19.21 -9.86
CA VAL A 542 13.69 18.32 -9.35
C VAL A 542 12.40 19.12 -9.15
N GLU A 543 11.32 18.66 -9.80
CA GLU A 543 10.02 19.33 -9.81
C GLU A 543 9.02 18.66 -8.86
N VAL A 544 9.48 17.71 -8.03
CA VAL A 544 8.63 16.97 -7.11
C VAL A 544 9.28 16.80 -5.75
N ASN A 545 8.48 16.49 -4.74
CA ASN A 545 8.99 16.21 -3.40
C ASN A 545 9.31 14.73 -3.49
N THR A 546 10.45 14.26 -2.91
CA THR A 546 10.93 12.86 -3.04
C THR A 546 12.14 12.52 -2.12
N VAL A 547 12.69 11.28 -2.24
CA VAL A 547 13.89 10.77 -1.54
C VAL A 547 14.86 10.20 -2.58
N LEU A 548 16.12 10.65 -2.55
CA LEU A 548 17.17 10.19 -3.45
C LEU A 548 17.84 8.96 -2.86
N HIS A 549 17.83 7.86 -3.63
CA HIS A 549 18.42 6.59 -3.19
C HIS A 549 19.69 6.18 -4.00
N GLY A 550 19.91 6.82 -5.15
CA GLY A 550 21.06 6.55 -6.00
C GLY A 550 20.98 7.19 -7.36
N PHE A 551 21.82 6.71 -8.28
CA PHE A 551 21.85 7.27 -9.64
C PHE A 551 21.88 6.17 -10.65
N ALA A 552 20.99 6.24 -11.62
CA ALA A 552 20.94 5.27 -12.71
C ALA A 552 21.91 5.74 -13.84
N GLY A 553 22.70 4.82 -14.32
CA GLY A 553 23.68 5.07 -15.36
C GLY A 553 23.39 4.28 -16.61
N TYR A 554 23.56 4.97 -17.75
CA TYR A 554 23.33 4.52 -19.12
C TYR A 554 24.50 5.00 -19.98
N PHE A 555 24.45 4.69 -21.28
CA PHE A 555 25.48 5.14 -22.20
C PHE A 555 24.93 5.28 -23.59
N GLU A 556 25.70 5.93 -24.45
CA GLU A 556 25.45 6.11 -25.87
C GLU A 556 26.78 6.00 -26.57
N THR A 557 26.80 5.42 -27.76
CA THR A 557 28.03 5.31 -28.54
C THR A 557 27.79 5.59 -29.99
N VAL A 558 28.81 6.15 -30.65
CA VAL A 558 28.84 6.42 -32.09
C VAL A 558 29.83 5.42 -32.69
N LEU A 559 29.29 4.42 -33.42
CA LEU A 559 30.14 3.41 -34.04
C LEU A 559 30.85 4.04 -35.22
N TYR A 560 30.05 4.66 -36.11
CA TYR A 560 30.51 5.38 -37.30
C TYR A 560 29.42 6.27 -37.80
N GLN A 561 29.68 7.60 -37.80
CA GLN A 561 28.80 8.66 -38.31
C GLN A 561 27.42 8.69 -37.62
N ASP A 562 26.35 8.20 -38.28
CA ASP A 562 25.00 8.19 -37.69
C ASP A 562 24.61 6.81 -37.13
N ILE A 563 25.56 5.84 -37.22
CA ILE A 563 25.35 4.48 -36.74
C ILE A 563 25.72 4.51 -35.27
N THR A 564 24.67 4.41 -34.42
CA THR A 564 24.82 4.46 -32.97
C THR A 564 24.17 3.29 -32.26
N LEU A 565 24.52 3.16 -30.96
CA LEU A 565 24.01 2.19 -30.01
C LEU A 565 23.76 2.94 -28.70
N SER A 566 22.56 2.77 -28.10
CA SER A 566 22.17 3.51 -26.88
C SER A 566 21.34 2.69 -25.93
N ILE A 567 21.61 2.86 -24.62
CA ILE A 567 20.83 2.26 -23.53
C ILE A 567 20.15 3.37 -22.72
N ARG A 568 20.37 4.64 -23.13
CA ARG A 568 19.74 5.82 -22.54
C ARG A 568 18.23 5.65 -22.86
N PRO A 569 17.32 5.67 -21.85
CA PRO A 569 15.92 5.29 -22.11
C PRO A 569 15.18 6.00 -23.24
N GLU A 570 15.38 7.31 -23.35
CA GLU A 570 14.73 8.14 -24.36
C GLU A 570 15.19 7.81 -25.79
N THR A 571 16.46 7.39 -25.95
CA THR A 571 17.06 7.06 -27.26
C THR A 571 17.40 5.57 -27.43
N HIS A 572 16.96 4.72 -26.49
CA HIS A 572 17.25 3.27 -26.44
C HIS A 572 17.10 2.58 -27.78
N SER A 573 18.22 1.95 -28.25
CA SER A 573 18.32 1.19 -29.50
C SER A 573 17.23 0.10 -29.44
N PRO A 574 16.26 0.04 -30.41
CA PRO A 574 15.17 -0.93 -30.28
C PRO A 574 15.61 -2.40 -30.39
N GLY A 575 15.12 -3.19 -29.44
CA GLY A 575 15.40 -4.62 -29.36
C GLY A 575 16.78 -5.03 -28.90
N MET A 576 17.61 -4.05 -28.44
CA MET A 576 18.96 -4.32 -27.94
C MET A 576 19.03 -4.54 -26.41
N PHE A 577 19.22 -5.80 -26.02
CA PHE A 577 19.25 -6.27 -24.63
C PHE A 577 20.63 -6.67 -24.10
N SER A 578 21.69 -6.25 -24.81
CA SER A 578 23.06 -6.55 -24.41
C SER A 578 23.50 -5.81 -23.13
N TRP A 579 22.87 -4.67 -22.78
CA TRP A 579 23.23 -3.97 -21.56
C TRP A 579 22.03 -3.53 -20.78
N PHE A 580 22.01 -3.85 -19.47
CA PHE A 580 20.98 -3.36 -18.56
C PHE A 580 21.56 -2.07 -17.94
N PRO A 581 20.76 -1.21 -17.29
CA PRO A 581 21.37 -0.03 -16.66
C PRO A 581 22.31 -0.35 -15.47
N ILE A 582 23.09 0.64 -15.02
CA ILE A 582 23.95 0.54 -13.84
C ILE A 582 23.33 1.41 -12.69
N LEU A 583 23.59 1.05 -11.44
CA LEU A 583 23.07 1.80 -10.30
C LEU A 583 24.21 2.15 -9.35
N PHE A 584 24.42 3.42 -9.10
CA PHE A 584 25.38 3.97 -8.16
C PHE A 584 24.60 4.30 -6.90
N PRO A 585 24.65 3.49 -5.85
CA PRO A 585 23.86 3.83 -4.66
C PRO A 585 24.49 4.95 -3.85
N ILE A 586 23.77 5.43 -2.84
CA ILE A 586 24.26 6.36 -1.84
C ILE A 586 23.95 5.74 -0.48
N LYS A 587 24.92 5.79 0.45
CA LYS A 587 24.85 5.21 1.81
C LYS A 587 23.60 5.68 2.61
N GLN A 588 23.21 6.94 2.45
CA GLN A 588 22.10 7.49 3.18
C GLN A 588 21.12 8.23 2.29
N PRO A 589 19.82 7.89 2.41
CA PRO A 589 18.80 8.53 1.57
C PRO A 589 18.73 10.02 1.83
N ILE A 590 18.53 10.80 0.75
CA ILE A 590 18.53 12.26 0.79
C ILE A 590 17.19 12.83 0.38
N THR A 591 16.60 13.59 1.29
CA THR A 591 15.32 14.22 1.07
C THR A 591 15.44 15.38 0.09
N VAL A 592 14.53 15.43 -0.90
CA VAL A 592 14.54 16.49 -1.91
C VAL A 592 13.13 17.14 -1.99
N ARG A 593 13.06 18.49 -1.96
CA ARG A 593 11.81 19.25 -2.04
C ARG A 593 11.59 19.72 -3.46
N GLU A 594 10.32 19.97 -3.84
CA GLU A 594 10.02 20.46 -5.19
C GLU A 594 10.66 21.82 -5.45
N GLY A 595 11.23 21.98 -6.63
CA GLY A 595 11.93 23.20 -7.02
C GLY A 595 13.42 23.17 -6.69
N GLN A 596 13.86 22.24 -5.83
CA GLN A 596 15.27 22.09 -5.44
C GLN A 596 16.09 21.39 -6.55
N THR A 597 17.40 21.68 -6.63
CA THR A 597 18.31 21.02 -7.59
C THR A 597 19.15 19.98 -6.85
N ILE A 598 19.32 18.77 -7.46
CA ILE A 598 20.19 17.73 -6.91
C ILE A 598 21.53 17.97 -7.60
N CYS A 599 22.60 18.19 -6.82
CA CYS A 599 23.93 18.32 -7.42
C CYS A 599 24.79 17.14 -7.05
N VAL A 600 25.32 16.41 -8.08
CA VAL A 600 26.20 15.23 -7.92
C VAL A 600 27.52 15.43 -8.67
N ARG A 601 28.58 14.87 -8.08
CA ARG A 601 29.93 14.92 -8.61
C ARG A 601 30.50 13.54 -8.81
N PHE A 602 30.95 13.26 -10.03
CA PHE A 602 31.52 11.94 -10.32
C PHE A 602 32.95 12.08 -10.76
N TRP A 603 33.80 11.14 -10.33
CA TRP A 603 35.21 11.15 -10.69
C TRP A 603 35.63 9.81 -11.25
N ARG A 604 36.37 9.83 -12.37
CA ARG A 604 36.98 8.60 -12.91
C ARG A 604 38.45 8.73 -12.51
N CYS A 605 38.92 7.76 -11.68
CA CYS A 605 40.28 7.74 -11.11
C CYS A 605 41.03 6.53 -11.56
N SER A 606 42.36 6.58 -11.40
CA SER A 606 43.22 5.49 -11.79
C SER A 606 44.61 5.63 -11.21
N ASN A 607 45.30 4.48 -11.08
CA ASN A 607 46.70 4.36 -10.73
C ASN A 607 47.33 3.35 -11.71
N SER A 608 48.57 2.94 -11.41
CA SER A 608 49.39 1.98 -12.16
C SER A 608 48.54 0.74 -12.60
N LYS A 609 47.87 0.10 -11.61
CA LYS A 609 47.15 -1.17 -11.70
C LYS A 609 45.61 -1.20 -11.74
N LYS A 610 44.91 -0.16 -11.22
CA LYS A 610 43.43 -0.10 -11.12
C LYS A 610 42.84 1.19 -11.69
N VAL A 611 41.51 1.16 -12.01
CA VAL A 611 40.67 2.28 -12.43
C VAL A 611 39.42 2.19 -11.50
N TRP A 612 38.76 3.32 -11.13
CA TRP A 612 37.58 3.27 -10.27
C TRP A 612 36.77 4.57 -10.33
N TYR A 613 35.55 4.54 -9.80
CA TYR A 613 34.73 5.75 -9.72
C TYR A 613 34.59 6.13 -8.26
N GLU A 614 34.47 7.43 -8.05
CA GLU A 614 34.23 8.06 -6.77
C GLU A 614 33.06 9.00 -7.05
N TRP A 615 32.14 9.15 -6.07
CA TRP A 615 30.99 10.03 -6.26
C TRP A 615 30.48 10.63 -4.96
N ALA A 616 29.83 11.80 -5.04
CA ALA A 616 29.30 12.50 -3.89
C ALA A 616 28.22 13.41 -4.32
N VAL A 617 27.20 13.58 -3.42
CA VAL A 617 26.05 14.50 -3.55
C VAL A 617 26.37 15.70 -2.69
N THR A 618 26.34 16.90 -3.28
CA THR A 618 26.64 18.17 -2.61
C THR A 618 25.39 19.10 -2.41
N ALA A 619 24.29 18.82 -3.13
CA ALA A 619 23.04 19.60 -3.04
C ALA A 619 21.86 18.65 -3.17
N PRO A 620 20.76 18.82 -2.38
CA PRO A 620 20.48 19.85 -1.36
C PRO A 620 21.33 19.78 -0.08
N VAL A 621 21.87 18.59 0.23
CA VAL A 621 22.77 18.32 1.37
C VAL A 621 23.93 17.47 0.88
N CYS A 622 25.02 17.41 1.67
CA CYS A 622 26.21 16.63 1.31
C CYS A 622 26.11 15.20 1.73
N SER A 623 26.76 14.35 0.93
CA SER A 623 26.93 12.96 1.25
C SER A 623 28.43 12.83 1.48
N ALA A 624 28.87 11.65 1.91
CA ALA A 624 30.29 11.38 2.07
C ALA A 624 30.78 11.03 0.68
N ILE A 625 32.09 11.19 0.42
CA ILE A 625 32.64 10.80 -0.87
C ILE A 625 32.63 9.26 -0.86
N HIS A 626 31.89 8.66 -1.82
CA HIS A 626 31.70 7.23 -1.97
C HIS A 626 32.85 6.64 -2.72
N ASN A 627 33.38 5.51 -2.19
CA ASN A 627 34.48 4.71 -2.71
C ASN A 627 35.79 5.51 -2.83
N PRO A 628 36.27 6.22 -1.79
CA PRO A 628 37.57 6.91 -1.91
C PRO A 628 38.72 5.92 -2.10
N THR A 629 39.66 6.22 -3.02
CA THR A 629 40.86 5.38 -3.32
C THR A 629 40.48 3.98 -3.88
N GLY A 630 39.21 3.80 -4.25
CA GLY A 630 38.68 2.53 -4.75
C GLY A 630 38.68 1.46 -3.70
N ARG A 631 38.56 1.86 -2.41
CA ARG A 631 38.57 0.98 -1.24
C ARG A 631 37.48 -0.12 -1.27
N SER A 632 36.38 0.10 -1.99
CA SER A 632 35.30 -0.88 -2.07
C SER A 632 35.14 -1.48 -3.46
N TYR A 633 35.52 -0.74 -4.50
CA TYR A 633 35.32 -1.18 -5.86
C TYR A 633 36.39 -0.65 -6.77
N THR A 634 37.06 -1.55 -7.50
CA THR A 634 38.06 -1.23 -8.53
C THR A 634 37.88 -2.07 -9.75
N ILE A 635 38.36 -1.56 -10.86
CA ILE A 635 38.39 -2.26 -12.14
C ILE A 635 39.90 -2.57 -12.47
N GLY A 636 40.26 -3.85 -12.45
CA GLY A 636 41.61 -4.33 -12.70
C GLY A 636 42.11 -4.11 -14.11
N LEU A 637 43.28 -3.45 -14.19
CA LEU A 637 43.96 -3.14 -15.45
C LEU A 637 44.73 -4.35 -16.05
N PRO B 21 -39.10 -22.62 23.14
CA PRO B 21 -40.24 -21.73 22.90
C PRO B 21 -40.24 -21.06 21.50
N ASN B 22 -40.03 -21.90 20.42
CA ASN B 22 -39.93 -21.63 18.95
C ASN B 22 -38.73 -20.71 18.53
N ALA B 23 -37.78 -20.50 19.49
CA ALA B 23 -36.60 -19.63 19.46
C ALA B 23 -35.25 -20.39 19.53
N PRO B 24 -34.04 -19.72 19.40
CA PRO B 24 -32.77 -20.47 19.51
C PRO B 24 -32.56 -21.06 20.91
N ALA B 25 -31.97 -22.28 20.96
CA ALA B 25 -31.68 -23.04 22.18
C ALA B 25 -30.77 -22.29 23.17
N CYS B 26 -29.81 -21.51 22.63
CA CYS B 26 -28.90 -20.71 23.44
C CYS B 26 -28.72 -19.29 22.92
N MET B 27 -28.68 -18.34 23.87
CA MET B 27 -28.41 -16.94 23.58
C MET B 27 -26.94 -16.64 23.89
N GLU B 28 -26.32 -15.94 22.95
CA GLU B 28 -24.92 -15.54 22.93
C GLU B 28 -24.51 -14.76 24.19
N ARG B 29 -23.31 -15.02 24.70
CA ARG B 29 -22.79 -14.43 25.94
C ARG B 29 -22.74 -12.89 25.97
N GLN B 30 -22.29 -12.25 24.88
CA GLN B 30 -22.10 -10.80 24.86
C GLN B 30 -23.39 -10.02 24.53
N LEU B 31 -24.08 -9.60 25.61
CA LEU B 31 -25.32 -8.79 25.53
C LEU B 31 -24.92 -7.37 25.17
N GLU B 32 -25.50 -6.88 24.07
CA GLU B 32 -25.21 -5.56 23.53
C GLU B 32 -26.29 -4.51 23.82
N ALA B 33 -27.58 -4.89 23.80
CA ALA B 33 -28.65 -3.92 23.99
C ALA B 33 -29.85 -4.40 24.81
N ALA B 34 -30.43 -3.47 25.59
CA ALA B 34 -31.61 -3.64 26.44
C ALA B 34 -32.53 -2.41 26.25
N ARG B 35 -33.78 -2.64 25.76
CA ARG B 35 -34.75 -1.54 25.53
C ARG B 35 -36.16 -1.97 25.91
N TYR B 36 -36.81 -1.19 26.80
CA TYR B 36 -38.19 -1.39 27.24
C TYR B 36 -39.15 -0.63 26.31
N ARG B 37 -40.26 -1.28 25.92
CA ARG B 37 -41.31 -0.60 25.16
C ARG B 37 -42.39 -0.19 26.16
N SER B 38 -43.35 0.64 25.73
CA SER B 38 -44.47 1.24 26.48
C SER B 38 -45.08 0.38 27.60
N ASP B 39 -45.46 -0.88 27.28
CA ASP B 39 -46.11 -1.81 28.22
C ASP B 39 -45.19 -2.38 29.33
N GLY B 40 -43.87 -2.32 29.13
CA GLY B 40 -42.88 -2.86 30.08
C GLY B 40 -42.14 -4.13 29.64
N ALA B 41 -42.39 -4.57 28.38
CA ALA B 41 -41.72 -5.75 27.82
C ALA B 41 -40.29 -5.35 27.42
N LEU B 42 -39.31 -6.25 27.66
CA LEU B 42 -37.87 -6.03 27.44
C LEU B 42 -37.33 -6.66 26.14
N LEU B 43 -36.71 -5.82 25.28
CA LEU B 43 -36.07 -6.22 24.04
C LEU B 43 -34.58 -6.35 24.32
N LEU B 44 -33.99 -7.51 23.95
CA LEU B 44 -32.57 -7.82 24.13
C LEU B 44 -31.83 -8.12 22.83
N GLY B 45 -30.60 -7.65 22.76
CA GLY B 45 -29.68 -7.87 21.65
C GLY B 45 -28.40 -8.52 22.11
N ALA B 46 -27.98 -9.59 21.41
CA ALA B 46 -26.77 -10.30 21.81
C ALA B 46 -25.95 -10.74 20.61
N SER B 47 -24.64 -10.87 20.81
CA SER B 47 -23.67 -11.33 19.80
C SER B 47 -22.72 -12.32 20.47
N SER B 48 -22.18 -13.29 19.68
CA SER B 48 -21.11 -14.19 20.13
C SER B 48 -19.86 -13.52 19.54
N LEU B 49 -19.05 -12.91 20.43
CA LEU B 49 -17.85 -12.15 20.03
C LEU B 49 -16.57 -13.00 20.11
N SER B 50 -16.79 -14.31 20.30
CA SER B 50 -15.77 -15.34 20.37
C SER B 50 -16.35 -16.71 20.03
N GLY B 51 -15.45 -17.71 19.95
CA GLY B 51 -15.82 -19.08 19.60
C GLY B 51 -15.95 -19.27 18.11
N ARG B 52 -16.37 -20.50 17.71
CA ARG B 52 -16.54 -21.00 16.32
C ARG B 52 -17.35 -20.06 15.38
N CYS B 53 -18.50 -19.65 15.89
CA CYS B 53 -19.46 -18.83 15.17
C CYS B 53 -19.64 -17.44 15.79
N TRP B 54 -19.54 -16.41 14.95
CA TRP B 54 -19.74 -15.01 15.35
C TRP B 54 -21.06 -14.51 14.77
N ALA B 55 -22.15 -14.84 15.45
CA ALA B 55 -23.50 -14.45 15.05
C ALA B 55 -24.18 -13.64 16.15
N GLY B 56 -25.48 -13.41 16.00
CA GLY B 56 -26.28 -12.64 16.94
C GLY B 56 -27.70 -13.14 17.09
N SER B 57 -28.47 -12.50 17.98
CA SER B 57 -29.85 -12.85 18.26
C SER B 57 -30.66 -11.68 18.83
N LEU B 58 -31.98 -11.76 18.68
CA LEU B 58 -32.95 -10.76 19.18
C LEU B 58 -33.94 -11.50 20.04
N TRP B 59 -34.28 -10.91 21.22
CA TRP B 59 -35.18 -11.54 22.19
C TRP B 59 -36.18 -10.58 22.80
N LEU B 60 -37.41 -11.07 23.01
CA LEU B 60 -38.46 -10.33 23.70
C LEU B 60 -38.81 -11.06 25.01
N PHE B 61 -38.82 -10.30 26.12
CA PHE B 61 -39.16 -10.81 27.44
C PHE B 61 -40.29 -9.97 28.03
N LYS B 62 -41.54 -10.53 28.02
CA LYS B 62 -42.70 -9.86 28.61
C LYS B 62 -42.52 -9.90 30.15
N ASP B 63 -41.78 -10.91 30.65
CA ASP B 63 -41.35 -11.01 32.05
C ASP B 63 -39.84 -10.68 32.07
N PRO B 64 -39.46 -9.41 32.36
CA PRO B 64 -38.03 -9.04 32.35
C PRO B 64 -37.16 -9.70 33.44
N CYS B 65 -37.79 -10.30 34.47
CA CYS B 65 -37.09 -11.00 35.55
C CYS B 65 -36.62 -12.37 35.14
N ALA B 66 -37.22 -12.91 34.07
CA ALA B 66 -36.87 -14.20 33.47
C ALA B 66 -35.63 -14.09 32.55
N ALA B 67 -35.29 -12.85 32.07
CA ALA B 67 -34.13 -12.56 31.22
C ALA B 67 -32.79 -12.75 31.97
N PRO B 68 -31.76 -13.39 31.37
CA PRO B 68 -31.63 -13.87 29.98
C PRO B 68 -31.96 -15.36 29.72
N ASN B 69 -32.83 -16.00 30.52
CA ASN B 69 -33.18 -17.41 30.31
C ASN B 69 -34.02 -17.61 29.04
N GLU B 70 -33.43 -18.34 28.06
CA GLU B 70 -34.00 -18.64 26.73
C GLU B 70 -35.34 -19.42 26.75
N GLY B 71 -35.53 -20.27 27.76
CA GLY B 71 -36.77 -21.04 27.89
C GLY B 71 -37.94 -20.25 28.45
N PHE B 72 -37.68 -18.99 28.90
CA PHE B 72 -38.67 -18.10 29.51
C PHE B 72 -38.82 -16.76 28.79
N CYS B 73 -38.67 -16.78 27.47
CA CYS B 73 -38.84 -15.60 26.63
C CYS B 73 -40.20 -15.64 25.92
N SER B 74 -40.72 -14.45 25.55
CA SER B 74 -41.97 -14.35 24.79
C SER B 74 -41.67 -14.67 23.30
N ALA B 75 -40.54 -14.13 22.78
CA ALA B 75 -40.06 -14.34 21.41
C ALA B 75 -38.52 -14.33 21.32
N GLY B 76 -37.99 -15.01 20.31
CA GLY B 76 -36.56 -15.11 20.05
C GLY B 76 -36.23 -15.51 18.63
N VAL B 77 -35.19 -14.89 18.05
CA VAL B 77 -34.72 -15.15 16.68
C VAL B 77 -33.19 -15.00 16.56
N GLN B 78 -32.59 -15.79 15.64
CA GLN B 78 -31.17 -15.75 15.35
C GLN B 78 -30.91 -14.86 14.12
N THR B 79 -29.98 -13.91 14.25
CA THR B 79 -29.57 -13.05 13.14
C THR B 79 -28.32 -13.67 12.52
N GLU B 80 -28.05 -13.39 11.24
CA GLU B 80 -26.90 -13.99 10.55
C GLU B 80 -25.56 -13.48 11.09
N ALA B 81 -25.41 -12.19 11.38
CA ALA B 81 -24.18 -11.59 11.94
C ALA B 81 -24.47 -11.00 13.33
N GLY B 82 -23.45 -10.39 13.93
CA GLY B 82 -23.57 -9.77 15.25
C GLY B 82 -24.40 -8.50 15.29
N VAL B 83 -24.98 -8.19 16.47
CA VAL B 83 -25.79 -7.02 16.77
C VAL B 83 -24.93 -5.97 17.45
N ALA B 84 -24.53 -4.91 16.72
CA ALA B 84 -23.73 -3.81 17.29
C ALA B 84 -24.63 -2.82 18.02
N ASP B 85 -25.86 -2.64 17.52
CA ASP B 85 -26.89 -1.75 18.07
C ASP B 85 -28.28 -2.15 17.54
N LEU B 86 -29.30 -1.78 18.30
CA LEU B 86 -30.71 -1.96 17.96
C LEU B 86 -31.54 -0.85 18.57
N THR B 87 -32.79 -0.69 18.07
CA THR B 87 -33.77 0.31 18.52
C THR B 87 -35.21 -0.21 18.20
N TRP B 88 -36.18 0.14 19.08
CA TRP B 88 -37.59 -0.21 18.86
C TRP B 88 -38.10 0.72 17.76
N VAL B 89 -38.99 0.23 16.92
CA VAL B 89 -39.63 1.03 15.89
C VAL B 89 -41.13 0.89 16.16
N GLY B 90 -41.65 1.81 16.96
CA GLY B 90 -43.03 1.79 17.38
C GLY B 90 -43.19 0.77 18.49
N GLU B 91 -44.15 -0.14 18.33
CA GLU B 91 -44.42 -1.15 19.34
C GLU B 91 -44.10 -2.58 18.90
N ARG B 92 -43.93 -2.80 17.58
CA ARG B 92 -43.64 -4.15 17.07
C ARG B 92 -42.40 -4.25 16.17
N GLY B 93 -41.76 -3.12 15.89
CA GLY B 93 -40.59 -3.03 15.01
C GLY B 93 -39.27 -3.03 15.74
N ILE B 94 -38.26 -3.71 15.15
CA ILE B 94 -36.92 -3.82 15.71
C ILE B 94 -35.92 -3.48 14.60
N LEU B 95 -35.22 -2.35 14.75
CA LEU B 95 -34.22 -1.90 13.80
C LEU B 95 -32.82 -2.28 14.31
N VAL B 96 -32.07 -3.04 13.49
CA VAL B 96 -30.78 -3.61 13.85
C VAL B 96 -29.60 -3.08 13.01
N ALA B 97 -28.49 -2.68 13.70
CA ALA B 97 -27.21 -2.25 13.10
C ALA B 97 -26.35 -3.54 13.11
N SER B 98 -26.05 -4.09 11.91
CA SER B 98 -25.31 -5.35 11.81
C SER B 98 -23.83 -5.19 11.43
N ASP B 99 -23.03 -6.20 11.84
CA ASP B 99 -21.61 -6.34 11.57
C ASP B 99 -21.41 -6.52 10.08
N SER B 100 -22.43 -7.05 9.38
CA SER B 100 -22.45 -7.31 7.95
C SER B 100 -22.49 -6.03 7.09
N GLY B 101 -22.80 -4.89 7.69
CA GLY B 101 -22.93 -3.64 6.96
C GLY B 101 -24.38 -3.36 6.62
N ALA B 102 -25.26 -4.23 7.11
CA ALA B 102 -26.69 -4.16 6.89
C ALA B 102 -27.41 -3.49 8.01
N VAL B 103 -28.49 -2.79 7.63
CA VAL B 103 -29.47 -2.21 8.55
C VAL B 103 -30.67 -3.13 8.35
N GLU B 104 -31.13 -3.75 9.45
CA GLU B 104 -32.19 -4.74 9.40
C GLU B 104 -33.45 -4.29 10.09
N LEU B 105 -34.59 -4.63 9.52
CA LEU B 105 -35.86 -4.38 10.17
C LEU B 105 -36.55 -5.70 10.43
N TRP B 106 -36.90 -5.89 11.69
CA TRP B 106 -37.60 -7.07 12.17
C TRP B 106 -38.96 -6.63 12.71
N GLU B 107 -39.95 -7.53 12.66
CA GLU B 107 -41.31 -7.24 13.13
C GLU B 107 -41.90 -8.40 13.93
N LEU B 108 -42.45 -8.08 15.12
CA LEU B 108 -43.13 -9.06 15.98
C LEU B 108 -44.43 -9.41 15.30
N ASP B 109 -44.78 -10.71 15.24
CA ASP B 109 -46.02 -11.15 14.59
C ASP B 109 -47.27 -10.76 15.41
N GLU B 110 -48.49 -11.06 14.88
CA GLU B 110 -49.78 -10.77 15.51
C GLU B 110 -49.88 -11.19 17.02
N ASN B 111 -49.45 -12.43 17.31
CA ASN B 111 -49.43 -13.02 18.64
C ASN B 111 -48.27 -12.52 19.52
N GLU B 112 -47.21 -11.95 18.87
CA GLU B 112 -45.95 -11.48 19.49
C GLU B 112 -45.18 -12.66 20.10
N THR B 113 -45.06 -13.75 19.29
CA THR B 113 -44.37 -15.01 19.63
C THR B 113 -43.29 -15.34 18.58
N LEU B 114 -43.24 -14.56 17.48
CA LEU B 114 -42.27 -14.70 16.40
C LEU B 114 -41.71 -13.34 15.95
N ILE B 115 -40.38 -13.26 15.75
CA ILE B 115 -39.68 -12.07 15.26
C ILE B 115 -39.30 -12.39 13.80
N VAL B 116 -39.95 -11.70 12.85
CA VAL B 116 -39.80 -11.96 11.41
C VAL B 116 -39.11 -10.83 10.66
N SER B 117 -38.17 -11.20 9.77
CA SER B 117 -37.40 -10.25 8.95
C SER B 117 -38.25 -9.53 7.91
N LYS B 118 -38.28 -8.17 7.96
CA LYS B 118 -39.00 -7.36 6.98
C LYS B 118 -38.00 -7.00 5.88
N PHE B 119 -36.88 -6.35 6.27
CA PHE B 119 -35.82 -6.02 5.35
C PHE B 119 -34.44 -6.15 5.99
N CYS B 120 -33.46 -6.38 5.14
CA CYS B 120 -32.05 -6.52 5.46
C CYS B 120 -31.36 -5.89 4.25
N LYS B 121 -30.99 -4.62 4.38
CA LYS B 121 -30.36 -3.90 3.30
C LYS B 121 -28.89 -3.66 3.64
N TYR B 122 -27.99 -4.22 2.80
CA TYR B 122 -26.53 -4.10 2.92
C TYR B 122 -26.09 -2.86 2.13
N GLU B 123 -26.05 -1.71 2.84
CA GLU B 123 -25.71 -0.41 2.26
C GLU B 123 -24.37 0.13 2.74
N HIS B 124 -23.94 -0.26 3.95
CA HIS B 124 -22.69 0.19 4.53
C HIS B 124 -21.51 -0.73 4.11
N ASP B 125 -20.33 -0.13 3.93
CA ASP B 125 -19.13 -0.85 3.50
C ASP B 125 -18.32 -1.44 4.65
N ASP B 126 -18.83 -1.32 5.88
CA ASP B 126 -18.18 -1.87 7.09
C ASP B 126 -19.30 -2.01 8.13
N ILE B 127 -18.97 -2.49 9.36
CA ILE B 127 -19.85 -2.69 10.51
C ILE B 127 -20.72 -1.48 10.74
N VAL B 128 -22.05 -1.69 10.86
CA VAL B 128 -22.99 -0.60 11.20
C VAL B 128 -22.90 -0.54 12.73
N SER B 129 -22.31 0.54 13.24
CA SER B 129 -22.04 0.70 14.67
C SER B 129 -23.18 1.40 15.47
N THR B 130 -23.99 2.25 14.81
CA THR B 130 -25.02 3.02 15.53
C THR B 130 -26.29 3.24 14.73
N VAL B 131 -27.42 3.18 15.43
CA VAL B 131 -28.73 3.40 14.82
C VAL B 131 -29.70 4.19 15.79
N SER B 132 -30.46 5.16 15.20
CA SER B 132 -31.46 5.98 15.90
C SER B 132 -32.69 6.31 15.03
N VAL B 133 -33.89 6.12 15.60
CA VAL B 133 -35.16 6.43 14.91
C VAL B 133 -35.52 7.94 15.05
N LEU B 134 -35.83 8.61 13.92
CA LEU B 134 -36.22 10.02 13.91
C LEU B 134 -37.64 10.24 14.51
N SER B 135 -37.94 11.50 14.97
CA SER B 135 -39.21 11.95 15.59
C SER B 135 -40.50 11.34 14.99
N SER B 136 -40.62 11.37 13.64
CA SER B 136 -41.71 10.80 12.84
C SER B 136 -41.95 9.30 13.08
N GLY B 137 -40.87 8.54 13.28
CA GLY B 137 -40.92 7.10 13.48
C GLY B 137 -41.07 6.35 12.18
N THR B 138 -40.95 7.06 11.04
CA THR B 138 -41.08 6.54 9.67
C THR B 138 -39.71 6.59 8.96
N GLN B 139 -38.73 7.25 9.64
CA GLN B 139 -37.36 7.48 9.18
C GLN B 139 -36.32 7.19 10.27
N ALA B 140 -35.19 6.64 9.83
CA ALA B 140 -34.11 6.29 10.75
C ALA B 140 -32.75 6.76 10.26
N VAL B 141 -31.84 6.96 11.20
CA VAL B 141 -30.46 7.36 10.89
C VAL B 141 -29.44 6.28 11.38
N SER B 142 -28.53 5.87 10.46
CA SER B 142 -27.47 4.89 10.75
C SER B 142 -26.07 5.49 10.60
N GLY B 143 -25.16 5.05 11.45
CA GLY B 143 -23.75 5.43 11.44
C GLY B 143 -22.88 4.18 11.34
N SER B 144 -21.73 4.29 10.64
CA SER B 144 -20.86 3.15 10.39
C SER B 144 -19.35 3.42 10.47
N LYS B 145 -18.59 2.33 10.59
CA LYS B 145 -17.14 2.31 10.61
C LYS B 145 -16.64 2.65 9.20
N ASP B 146 -17.56 2.60 8.20
CA ASP B 146 -17.31 2.96 6.80
C ASP B 146 -17.26 4.50 6.65
N ILE B 147 -17.46 5.27 7.77
CA ILE B 147 -17.37 6.74 7.92
C ILE B 147 -18.68 7.49 7.40
N CYS B 148 -19.67 6.73 6.85
CA CYS B 148 -20.93 7.30 6.35
C CYS B 148 -22.05 7.31 7.37
N ILE B 149 -22.94 8.31 7.20
CA ILE B 149 -24.19 8.52 7.93
C ILE B 149 -25.31 8.36 6.89
N LYS B 150 -26.26 7.49 7.16
CA LYS B 150 -27.35 7.28 6.22
C LYS B 150 -28.70 7.58 6.85
N VAL B 151 -29.57 8.23 6.07
CA VAL B 151 -30.94 8.54 6.43
C VAL B 151 -31.78 7.52 5.64
N TRP B 152 -32.60 6.75 6.36
CA TRP B 152 -33.42 5.68 5.79
C TRP B 152 -34.91 6.00 5.82
N ASP B 153 -35.64 5.53 4.78
CA ASP B 153 -37.11 5.58 4.75
C ASP B 153 -37.54 4.15 5.06
N LEU B 154 -38.06 3.95 6.29
CA LEU B 154 -38.45 2.66 6.83
C LEU B 154 -39.60 1.97 6.08
N ALA B 155 -40.57 2.78 5.60
CA ALA B 155 -41.72 2.28 4.85
C ALA B 155 -41.30 1.86 3.41
N GLN B 156 -40.54 2.73 2.72
CA GLN B 156 -40.08 2.50 1.36
C GLN B 156 -38.87 1.55 1.29
N GLN B 157 -38.24 1.23 2.45
CA GLN B 157 -37.07 0.33 2.58
C GLN B 157 -35.89 0.76 1.70
N VAL B 158 -35.57 2.07 1.70
CA VAL B 158 -34.52 2.69 0.89
C VAL B 158 -33.68 3.73 1.66
N VAL B 159 -32.48 4.06 1.13
CA VAL B 159 -31.60 5.11 1.67
C VAL B 159 -31.99 6.41 0.98
N LEU B 160 -32.44 7.39 1.75
CA LEU B 160 -32.85 8.69 1.22
C LEU B 160 -31.64 9.58 1.01
N SER B 161 -30.72 9.60 2.02
CA SER B 161 -29.50 10.39 1.99
C SER B 161 -28.29 9.64 2.53
N SER B 162 -27.12 9.83 1.92
CA SER B 162 -25.86 9.26 2.39
C SER B 162 -24.90 10.43 2.58
N TYR B 163 -24.40 10.62 3.82
CA TYR B 163 -23.51 11.73 4.17
C TYR B 163 -22.14 11.28 4.66
N ARG B 164 -21.08 11.74 3.97
CA ARG B 164 -19.69 11.46 4.36
C ARG B 164 -19.10 12.76 4.93
N ALA B 165 -19.57 13.13 6.14
CA ALA B 165 -19.11 14.34 6.82
C ALA B 165 -17.88 14.08 7.70
N HIS B 166 -17.84 12.90 8.34
CA HIS B 166 -16.73 12.56 9.20
C HIS B 166 -15.50 12.08 8.41
N ALA B 167 -14.36 11.98 9.10
CA ALA B 167 -13.10 11.56 8.51
C ALA B 167 -12.61 10.25 9.15
N ALA B 168 -13.31 9.76 10.20
CA ALA B 168 -13.05 8.49 10.89
C ALA B 168 -14.37 7.73 11.19
N GLN B 169 -14.30 6.55 11.88
CA GLN B 169 -15.45 5.70 12.27
C GLN B 169 -16.54 6.51 12.96
N VAL B 170 -17.82 6.26 12.64
CA VAL B 170 -18.95 6.99 13.26
C VAL B 170 -19.45 6.22 14.50
N THR B 171 -19.03 6.66 15.69
CA THR B 171 -19.31 6.04 17.00
C THR B 171 -20.76 6.06 17.47
N CYS B 172 -21.45 7.19 17.26
CA CYS B 172 -22.79 7.43 17.77
C CYS B 172 -23.60 8.39 16.87
N VAL B 173 -24.89 8.06 16.67
CA VAL B 173 -25.93 8.86 16.00
C VAL B 173 -27.15 8.90 16.93
N ALA B 174 -27.61 10.13 17.24
CA ALA B 174 -28.75 10.37 18.11
C ALA B 174 -29.72 11.39 17.47
N ALA B 175 -30.84 10.89 16.92
CA ALA B 175 -31.90 11.69 16.31
C ALA B 175 -32.57 12.58 17.36
N SER B 176 -32.94 13.83 16.95
CA SER B 176 -33.62 14.80 17.80
C SER B 176 -34.94 14.23 18.32
N PRO B 177 -35.36 14.55 19.58
CA PRO B 177 -36.61 13.98 20.10
C PRO B 177 -37.87 14.42 19.35
N HIS B 178 -37.92 15.70 18.90
CA HIS B 178 -39.12 16.24 18.25
C HIS B 178 -38.89 16.84 16.84
N LYS B 179 -37.66 17.22 16.50
CA LYS B 179 -37.33 17.79 15.20
C LYS B 179 -36.88 16.63 14.27
N ASP B 180 -37.76 16.24 13.35
CA ASP B 180 -37.53 15.12 12.42
C ASP B 180 -36.33 15.26 11.46
N SER B 181 -35.89 16.49 11.15
CA SER B 181 -34.77 16.74 10.25
C SER B 181 -33.44 16.97 11.03
N VAL B 182 -33.48 16.89 12.37
CA VAL B 182 -32.35 17.15 13.26
C VAL B 182 -31.84 15.87 13.97
N PHE B 183 -30.49 15.78 14.10
CA PHE B 183 -29.80 14.68 14.76
C PHE B 183 -28.36 15.03 15.08
N LEU B 184 -27.78 14.32 16.05
CA LEU B 184 -26.40 14.48 16.46
C LEU B 184 -25.57 13.28 16.02
N SER B 185 -24.29 13.52 15.74
CA SER B 185 -23.36 12.47 15.38
C SER B 185 -21.98 12.78 15.96
N CYS B 186 -21.27 11.73 16.44
CA CYS B 186 -19.93 11.89 16.96
C CYS B 186 -19.01 10.82 16.39
N SER B 187 -17.75 11.17 16.19
CA SER B 187 -16.81 10.29 15.51
C SER B 187 -15.40 10.35 16.09
N GLU B 188 -14.58 9.40 15.65
CA GLU B 188 -13.16 9.26 15.98
C GLU B 188 -12.31 10.37 15.27
N ASP B 189 -12.96 11.26 14.51
CA ASP B 189 -12.28 12.39 13.90
C ASP B 189 -12.42 13.63 14.84
N ASN B 190 -12.87 13.37 16.11
CA ASN B 190 -13.09 14.30 17.23
C ASN B 190 -14.22 15.31 16.98
N ARG B 191 -15.06 15.04 15.97
CA ARG B 191 -16.15 15.91 15.64
C ARG B 191 -17.44 15.45 16.24
N ILE B 192 -18.19 16.42 16.78
CA ILE B 192 -19.56 16.30 17.27
C ILE B 192 -20.29 17.19 16.25
N LEU B 193 -21.12 16.59 15.41
CA LEU B 193 -21.88 17.29 14.37
C LEU B 193 -23.39 17.42 14.69
N LEU B 194 -23.92 18.64 14.49
CA LEU B 194 -25.33 18.94 14.60
C LEU B 194 -25.86 19.01 13.17
N TRP B 195 -26.86 18.17 12.91
CA TRP B 195 -27.43 18.04 11.59
C TRP B 195 -28.80 18.63 11.50
N ASP B 196 -29.10 19.21 10.33
CA ASP B 196 -30.39 19.76 9.95
C ASP B 196 -30.48 19.56 8.45
N THR B 197 -31.21 18.49 8.04
CA THR B 197 -31.41 18.06 6.65
C THR B 197 -31.95 19.15 5.73
N ARG B 198 -32.48 20.27 6.33
CA ARG B 198 -33.08 21.41 5.64
C ARG B 198 -32.02 22.31 5.02
N CYS B 199 -30.81 22.34 5.59
CA CYS B 199 -29.71 23.15 5.06
C CYS B 199 -29.00 22.51 3.88
N PRO B 200 -28.41 23.32 2.95
CA PRO B 200 -27.64 22.74 1.83
C PRO B 200 -26.36 22.01 2.29
N LYS B 201 -25.73 22.54 3.36
CA LYS B 201 -24.61 21.99 4.08
C LYS B 201 -25.22 21.64 5.46
N PRO B 202 -25.79 20.40 5.59
CA PRO B 202 -26.58 20.04 6.79
C PRO B 202 -25.85 19.94 8.13
N ALA B 203 -24.54 19.61 8.13
CA ALA B 203 -23.77 19.46 9.36
C ALA B 203 -23.11 20.73 9.84
N SER B 204 -22.98 20.85 11.16
CA SER B 204 -22.35 21.98 11.84
C SER B 204 -21.54 21.42 13.00
N GLN B 205 -20.24 21.71 13.01
CA GLN B 205 -19.34 21.21 14.05
C GLN B 205 -19.50 22.01 15.34
N ILE B 206 -19.93 21.32 16.43
CA ILE B 206 -20.08 21.91 17.76
C ILE B 206 -18.73 21.80 18.46
N GLY B 207 -18.01 22.92 18.52
CA GLY B 207 -16.69 23.02 19.13
C GLY B 207 -16.65 22.76 20.63
N CYS B 208 -16.00 21.64 21.03
CA CYS B 208 -15.84 21.22 22.44
C CYS B 208 -14.68 21.99 23.14
N SER B 209 -14.67 23.34 22.92
CA SER B 209 -13.75 24.43 23.34
C SER B 209 -12.37 24.40 22.60
N ALA B 210 -11.72 23.21 22.44
CA ALA B 210 -10.42 23.02 21.76
C ALA B 210 -10.36 21.58 21.12
N PRO B 211 -9.21 20.79 20.99
CA PRO B 211 -9.33 19.42 20.45
C PRO B 211 -9.98 18.47 21.48
N GLY B 212 -9.19 17.91 22.41
CA GLY B 212 -9.67 17.07 23.50
C GLY B 212 -9.75 15.58 23.26
N TYR B 213 -10.50 14.89 24.14
CA TYR B 213 -10.70 13.45 24.12
C TYR B 213 -11.89 13.11 23.28
N LEU B 214 -11.76 12.07 22.43
CA LEU B 214 -12.79 11.62 21.49
C LEU B 214 -14.19 11.44 22.09
N PRO B 215 -15.24 11.89 21.37
CA PRO B 215 -16.61 11.70 21.87
C PRO B 215 -17.09 10.27 21.60
N THR B 216 -17.64 9.61 22.62
CA THR B 216 -18.04 8.21 22.48
C THR B 216 -19.54 7.98 22.59
N SER B 217 -20.28 8.84 23.31
CA SER B 217 -21.73 8.72 23.47
C SER B 217 -22.46 10.08 23.42
N LEU B 218 -23.77 10.07 23.02
CA LEU B 218 -24.64 11.26 22.90
C LEU B 218 -26.07 10.97 23.40
N ALA B 219 -26.68 11.96 24.08
CA ALA B 219 -28.07 11.88 24.54
C ALA B 219 -28.77 13.26 24.55
N TRP B 220 -29.86 13.40 23.75
CA TRP B 220 -30.64 14.64 23.65
C TRP B 220 -31.45 14.76 24.93
N HIS B 221 -31.59 16.01 25.45
CA HIS B 221 -32.39 16.25 26.65
C HIS B 221 -33.86 15.98 26.30
N PRO B 222 -34.64 15.27 27.16
CA PRO B 222 -36.07 15.03 26.82
C PRO B 222 -37.00 16.27 26.90
N GLN B 223 -36.56 17.35 27.59
CA GLN B 223 -37.34 18.58 27.77
C GLN B 223 -36.73 19.79 27.04
N GLN B 224 -35.47 20.15 27.36
CA GLN B 224 -34.80 21.29 26.74
C GLN B 224 -34.35 20.96 25.32
N SER B 225 -35.10 21.47 24.34
CA SER B 225 -34.99 21.27 22.89
C SER B 225 -33.56 21.43 22.31
N GLU B 226 -32.76 22.38 22.85
CA GLU B 226 -31.40 22.65 22.35
C GLU B 226 -30.29 22.20 23.32
N VAL B 227 -30.63 21.27 24.23
CA VAL B 227 -29.68 20.73 25.21
C VAL B 227 -29.42 19.22 24.96
N PHE B 228 -28.13 18.81 25.12
CA PHE B 228 -27.67 17.43 25.01
C PHE B 228 -26.45 17.15 25.87
N VAL B 229 -26.29 15.88 26.28
CA VAL B 229 -25.12 15.41 27.02
C VAL B 229 -24.28 14.53 26.11
N PHE B 230 -22.95 14.54 26.32
CA PHE B 230 -22.02 13.71 25.57
C PHE B 230 -20.89 13.19 26.48
N GLY B 231 -20.53 11.91 26.27
CA GLY B 231 -19.48 11.19 27.00
C GLY B 231 -18.24 11.00 26.17
N ASP B 232 -17.05 10.97 26.80
CA ASP B 232 -15.82 10.82 26.02
C ASP B 232 -15.07 9.51 26.34
N GLU B 233 -13.95 9.29 25.61
CA GLU B 233 -13.08 8.12 25.75
C GLU B 233 -12.36 8.09 27.09
N ASN B 234 -12.32 9.22 27.83
CA ASN B 234 -11.63 9.36 29.11
C ASN B 234 -12.54 9.24 30.35
N GLY B 235 -13.84 9.05 30.13
CA GLY B 235 -14.79 8.91 31.22
C GLY B 235 -15.48 10.16 31.74
N THR B 236 -15.31 11.28 31.05
CA THR B 236 -15.94 12.56 31.39
C THR B 236 -17.29 12.71 30.67
N VAL B 237 -18.34 13.13 31.42
CA VAL B 237 -19.68 13.39 30.90
C VAL B 237 -19.85 14.93 30.87
N SER B 238 -20.17 15.50 29.69
CA SER B 238 -20.34 16.96 29.52
C SER B 238 -21.77 17.34 29.08
N LEU B 239 -22.29 18.51 29.56
CA LEU B 239 -23.63 19.03 29.28
C LEU B 239 -23.58 20.25 28.37
N VAL B 240 -24.16 20.15 27.17
CA VAL B 240 -24.09 21.17 26.13
C VAL B 240 -25.44 21.81 25.77
N ASP B 241 -25.43 23.14 25.59
CA ASP B 241 -26.58 23.93 25.14
C ASP B 241 -26.13 24.51 23.80
N THR B 242 -26.81 24.09 22.70
CA THR B 242 -26.57 24.50 21.31
C THR B 242 -26.36 26.04 21.16
N LYS B 243 -27.17 26.83 21.92
CA LYS B 243 -27.13 28.30 21.94
C LYS B 243 -26.75 28.90 23.33
N SER B 244 -25.57 28.50 23.90
CA SER B 244 -25.07 29.04 25.19
C SER B 244 -23.68 29.74 25.10
N THR B 245 -23.12 30.15 26.28
CA THR B 245 -21.86 30.89 26.52
C THR B 245 -20.51 30.19 26.06
N SER B 246 -20.49 29.52 24.83
CA SER B 246 -19.37 28.81 24.14
C SER B 246 -18.93 27.49 24.80
N CYS B 247 -18.61 27.56 26.13
CA CYS B 247 -18.20 26.45 26.99
C CYS B 247 -19.36 25.98 27.88
N VAL B 248 -19.25 24.73 28.31
CA VAL B 248 -20.25 23.97 29.04
C VAL B 248 -19.90 23.71 30.51
N LEU B 249 -20.42 22.59 31.06
CA LEU B 249 -20.19 22.04 32.40
C LEU B 249 -19.98 20.51 32.31
N SER B 250 -18.98 19.99 33.04
CA SER B 250 -18.58 18.58 33.01
C SER B 250 -18.32 17.96 34.38
N SER B 251 -18.16 16.62 34.41
CA SER B 251 -17.81 15.81 35.58
C SER B 251 -17.10 14.53 35.12
N ALA B 252 -15.99 14.20 35.80
CA ALA B 252 -15.22 12.99 35.56
C ALA B 252 -15.96 11.85 36.28
N VAL B 253 -16.92 11.25 35.56
CA VAL B 253 -17.82 10.21 36.06
C VAL B 253 -17.21 8.79 36.09
N HIS B 254 -16.44 8.43 35.04
CA HIS B 254 -15.85 7.09 34.89
C HIS B 254 -14.32 7.10 34.73
N SER B 255 -13.69 5.94 35.02
CA SER B 255 -12.24 5.76 34.88
C SER B 255 -11.87 5.36 33.45
N GLN B 256 -12.87 4.86 32.70
CA GLN B 256 -12.77 4.42 31.30
C GLN B 256 -13.84 5.09 30.45
N CYS B 257 -13.85 4.86 29.13
CA CYS B 257 -14.75 5.51 28.18
C CYS B 257 -16.26 5.34 28.51
N VAL B 258 -17.05 6.43 28.30
CA VAL B 258 -18.51 6.45 28.52
C VAL B 258 -19.18 5.83 27.27
N THR B 259 -19.61 4.57 27.40
CA THR B 259 -20.23 3.77 26.33
C THR B 259 -21.62 4.31 25.94
N GLY B 260 -22.44 4.61 26.95
CA GLY B 260 -23.80 5.10 26.75
C GLY B 260 -24.28 6.08 27.80
N LEU B 261 -25.29 6.87 27.40
CA LEU B 261 -25.95 7.89 28.21
C LEU B 261 -27.48 7.79 27.96
N VAL B 262 -28.27 7.53 29.03
CA VAL B 262 -29.73 7.34 28.94
C VAL B 262 -30.45 8.19 30.01
N PHE B 263 -31.41 9.03 29.56
CA PHE B 263 -32.22 9.83 30.47
C PHE B 263 -33.42 9.04 31.00
N SER B 264 -33.80 9.30 32.26
CA SER B 264 -34.91 8.66 32.96
C SER B 264 -36.27 9.16 32.41
N PRO B 265 -37.40 8.41 32.65
CA PRO B 265 -38.71 8.86 32.14
C PRO B 265 -39.39 9.95 32.96
N HIS B 266 -38.80 10.32 34.13
CA HIS B 266 -39.25 11.34 35.08
C HIS B 266 -39.41 12.73 34.45
N SER B 267 -40.28 13.55 35.08
CA SER B 267 -40.59 14.94 34.75
C SER B 267 -39.30 15.74 34.81
N VAL B 268 -38.54 15.54 35.92
CA VAL B 268 -37.20 16.07 36.18
C VAL B 268 -36.24 14.87 35.87
N PRO B 269 -35.62 14.79 34.66
CA PRO B 269 -34.85 13.58 34.31
C PRO B 269 -33.46 13.46 34.91
N PHE B 270 -33.14 12.21 35.29
CA PHE B 270 -31.86 11.72 35.81
C PHE B 270 -31.15 11.06 34.66
N LEU B 271 -29.82 11.14 34.64
CA LEU B 271 -29.05 10.56 33.55
C LEU B 271 -28.24 9.36 33.97
N ALA B 272 -28.43 8.22 33.27
CA ALA B 272 -27.68 6.98 33.48
C ALA B 272 -26.47 6.95 32.51
N SER B 273 -25.26 6.73 33.07
CA SER B 273 -24.01 6.64 32.30
C SER B 273 -23.39 5.27 32.53
N LEU B 274 -23.00 4.61 31.44
CA LEU B 274 -22.42 3.27 31.49
C LEU B 274 -21.09 3.25 30.82
N SER B 275 -20.12 2.53 31.40
CA SER B 275 -18.75 2.51 30.93
C SER B 275 -18.09 1.14 30.79
N GLU B 276 -16.92 1.15 30.11
CA GLU B 276 -16.03 0.01 29.92
C GLU B 276 -15.26 -0.30 31.23
N ASP B 277 -15.42 0.57 32.27
CA ASP B 277 -14.85 0.35 33.60
C ASP B 277 -15.67 -0.65 34.42
N CYS B 278 -16.81 -1.14 33.82
CA CYS B 278 -17.80 -2.13 34.32
C CYS B 278 -18.78 -1.57 35.36
N SER B 279 -18.91 -0.23 35.43
CA SER B 279 -19.82 0.41 36.37
C SER B 279 -20.92 1.23 35.74
N LEU B 280 -21.99 1.43 36.51
CA LEU B 280 -23.16 2.22 36.15
C LEU B 280 -23.20 3.39 37.11
N ALA B 281 -23.52 4.57 36.58
CA ALA B 281 -23.68 5.76 37.39
C ALA B 281 -25.00 6.45 37.00
N VAL B 282 -25.71 7.00 38.00
CA VAL B 282 -26.95 7.74 37.78
C VAL B 282 -26.65 9.14 38.34
N LEU B 283 -26.78 10.17 37.47
CA LEU B 283 -26.51 11.57 37.81
C LEU B 283 -27.76 12.43 37.81
N ASP B 284 -27.66 13.62 38.42
CA ASP B 284 -28.74 14.60 38.47
C ASP B 284 -28.55 15.65 37.36
N SER B 285 -29.46 16.63 37.30
CA SER B 285 -29.47 17.74 36.33
C SER B 285 -28.12 18.50 36.21
N SER B 286 -27.36 18.61 37.32
CA SER B 286 -26.06 19.30 37.37
C SER B 286 -24.84 18.33 37.34
N LEU B 287 -25.06 17.09 36.83
CA LEU B 287 -24.08 16.02 36.63
C LEU B 287 -23.45 15.46 37.92
N SER B 288 -24.12 15.61 39.06
CA SER B 288 -23.59 15.04 40.32
C SER B 288 -24.17 13.64 40.59
N GLU B 289 -23.33 12.72 41.09
CA GLU B 289 -23.66 11.31 41.32
C GLU B 289 -24.63 11.04 42.45
N LEU B 290 -25.66 10.25 42.14
CA LEU B 290 -26.72 9.86 43.08
C LEU B 290 -26.68 8.35 43.32
N PHE B 291 -26.40 7.55 42.28
CA PHE B 291 -26.30 6.08 42.33
C PHE B 291 -25.06 5.61 41.57
N ARG B 292 -24.49 4.46 42.00
CA ARG B 292 -23.31 3.79 41.42
C ARG B 292 -23.45 2.31 41.67
N SER B 293 -23.30 1.50 40.62
CA SER B 293 -23.41 0.05 40.75
C SER B 293 -22.25 -0.67 40.08
N GLN B 294 -21.59 -1.58 40.83
CA GLN B 294 -20.46 -2.37 40.32
C GLN B 294 -20.84 -3.84 40.20
N ALA B 295 -22.15 -4.07 39.95
CA ALA B 295 -22.78 -5.39 39.78
C ALA B 295 -22.19 -6.19 38.59
N HIS B 296 -21.80 -5.49 37.53
CA HIS B 296 -21.24 -6.12 36.35
C HIS B 296 -19.78 -6.47 36.50
N ARG B 297 -19.45 -7.69 36.05
CA ARG B 297 -18.12 -8.31 36.06
C ARG B 297 -17.36 -8.11 34.70
N ASP B 298 -18.06 -7.53 33.71
CA ASP B 298 -17.55 -7.18 32.38
C ASP B 298 -18.19 -5.84 31.92
N PHE B 299 -17.90 -5.37 30.68
CA PHE B 299 -18.40 -4.09 30.14
C PHE B 299 -19.90 -3.92 30.21
N VAL B 300 -20.36 -2.73 30.66
CA VAL B 300 -21.80 -2.35 30.69
C VAL B 300 -22.13 -1.79 29.29
N ARG B 301 -23.06 -2.45 28.58
CA ARG B 301 -23.37 -2.14 27.19
C ARG B 301 -24.65 -1.33 26.96
N ASP B 302 -25.69 -1.54 27.77
CA ASP B 302 -26.92 -0.77 27.65
C ASP B 302 -27.62 -0.56 28.98
N ALA B 303 -28.57 0.39 29.00
CA ALA B 303 -29.40 0.75 30.15
C ALA B 303 -30.79 1.19 29.70
N THR B 304 -31.83 0.70 30.38
CA THR B 304 -33.21 1.03 30.04
C THR B 304 -34.06 1.14 31.33
N TRP B 305 -34.75 2.27 31.47
CA TRP B 305 -35.62 2.56 32.63
C TRP B 305 -37.00 1.93 32.41
N SER B 306 -37.57 1.26 33.43
CA SER B 306 -38.89 0.62 33.33
C SER B 306 -39.98 1.69 33.10
N PRO B 307 -40.89 1.52 32.10
CA PRO B 307 -41.93 2.55 31.88
C PRO B 307 -42.98 2.57 33.01
N LEU B 308 -43.17 1.42 33.65
CA LEU B 308 -44.12 1.19 34.73
C LEU B 308 -43.59 1.73 36.07
N ASN B 309 -42.40 1.26 36.53
CA ASN B 309 -41.79 1.77 37.76
C ASN B 309 -40.54 2.56 37.40
N HIS B 310 -40.64 3.90 37.44
CA HIS B 310 -39.59 4.88 37.09
C HIS B 310 -38.36 4.87 38.03
N SER B 311 -38.42 4.10 39.14
CA SER B 311 -37.30 3.97 40.06
C SER B 311 -36.45 2.73 39.68
N LEU B 312 -36.90 1.94 38.68
CA LEU B 312 -36.19 0.76 38.16
C LEU B 312 -35.34 1.10 36.93
N LEU B 313 -34.17 0.42 36.80
CA LEU B 313 -33.22 0.61 35.70
C LEU B 313 -32.50 -0.70 35.36
N THR B 314 -32.75 -1.26 34.18
CA THR B 314 -32.15 -2.51 33.73
C THR B 314 -30.87 -2.25 32.90
N THR B 315 -29.78 -2.95 33.25
CA THR B 315 -28.50 -2.91 32.53
C THR B 315 -28.10 -4.29 32.05
N VAL B 316 -27.47 -4.36 30.87
CA VAL B 316 -26.94 -5.57 30.27
C VAL B 316 -25.43 -5.43 30.02
N GLY B 317 -24.71 -6.52 30.22
CA GLY B 317 -23.27 -6.52 30.02
C GLY B 317 -22.77 -7.71 29.25
N TRP B 318 -21.45 -7.70 28.95
CA TRP B 318 -20.77 -8.79 28.24
C TRP B 318 -20.54 -9.97 29.14
N ASP B 319 -20.88 -9.81 30.44
CA ASP B 319 -20.79 -10.84 31.47
C ASP B 319 -22.06 -11.74 31.43
N HIS B 320 -23.03 -11.42 30.54
CA HIS B 320 -24.30 -12.12 30.33
C HIS B 320 -25.33 -11.87 31.45
N GLN B 321 -25.10 -10.82 32.25
CA GLN B 321 -25.99 -10.40 33.34
C GLN B 321 -27.01 -9.32 32.91
N VAL B 322 -28.29 -9.59 33.19
CA VAL B 322 -29.39 -8.66 32.99
C VAL B 322 -29.64 -8.20 34.46
N VAL B 323 -29.16 -7.00 34.82
CA VAL B 323 -29.29 -6.52 36.20
C VAL B 323 -30.36 -5.43 36.30
N HIS B 324 -31.30 -5.62 37.24
CA HIS B 324 -32.37 -4.68 37.53
C HIS B 324 -31.96 -3.89 38.77
N HIS B 325 -31.78 -2.58 38.62
CA HIS B 325 -31.33 -1.69 39.68
C HIS B 325 -32.50 -0.92 40.30
N VAL B 326 -32.44 -0.72 41.62
CA VAL B 326 -33.43 0.05 42.38
C VAL B 326 -32.83 1.44 42.69
N VAL B 327 -33.03 2.38 41.76
CA VAL B 327 -32.50 3.74 41.79
C VAL B 327 -33.19 4.59 42.89
N PRO B 328 -32.41 5.20 43.82
CA PRO B 328 -33.03 6.03 44.86
C PRO B 328 -33.37 7.45 44.39
N THR B 329 -34.64 7.64 43.99
CA THR B 329 -35.20 8.90 43.48
C THR B 329 -35.48 9.91 44.62
N THR C 1 -18.49 -12.90 -18.69
CA THR C 1 -19.30 -13.99 -19.20
C THR C 1 -20.60 -13.54 -19.99
N VAL C 2 -20.90 -12.22 -20.03
CA VAL C 2 -22.06 -11.59 -20.72
C VAL C 2 -21.53 -10.60 -21.78
N ALA C 3 -22.14 -10.56 -23.00
CA ALA C 3 -21.72 -9.62 -24.05
C ALA C 3 -21.93 -8.15 -23.59
N GLY C 4 -20.96 -7.27 -23.91
CA GLY C 4 -20.93 -5.86 -23.52
C GLY C 4 -21.01 -5.61 -22.03
N GLN C 5 -20.56 -6.61 -21.22
CA GLN C 5 -20.60 -6.58 -19.76
C GLN C 5 -19.62 -5.59 -19.23
N PHE C 6 -18.47 -5.43 -19.91
CA PHE C 6 -17.37 -4.56 -19.46
C PHE C 6 -17.33 -3.16 -20.14
N GLU C 7 -18.36 -2.83 -20.95
CA GLU C 7 -18.59 -1.57 -21.68
C GLU C 7 -18.46 -0.40 -20.69
N ASP C 8 -17.69 0.64 -21.05
CA ASP C 8 -17.53 1.78 -20.16
C ASP C 8 -18.84 2.53 -20.04
N ALA C 9 -19.13 3.03 -18.85
CA ALA C 9 -20.34 3.82 -18.58
C ALA C 9 -20.36 5.15 -19.41
N ASP C 10 -21.44 5.95 -19.28
CA ASP C 10 -21.62 7.19 -20.03
C ASP C 10 -21.36 8.45 -19.18
N SFG D . 33.07 -8.52 -29.51
CA SFG D . 32.71 -9.81 -28.89
C SFG D . 31.17 -9.96 -28.83
O SFG D . 30.38 -9.02 -29.06
OXT SFG D . 30.78 -11.20 -28.47
CB SFG D . 33.33 -9.93 -27.46
CG SFG D . 32.94 -8.76 -26.53
CD SFG D . 33.55 -8.90 -25.13
NE SFG D . 32.60 -8.45 -24.10
C5' SFG D . 34.92 -8.21 -24.96
C4' SFG D . 36.10 -9.09 -25.36
O4' SFG D . 37.31 -8.30 -25.44
C3' SFG D . 36.39 -10.27 -24.44
O3' SFG D . 36.52 -11.47 -25.20
C2' SFG D . 37.70 -9.86 -23.73
O2' SFG D . 38.53 -10.97 -23.39
C1' SFG D . 38.36 -9.02 -24.83
N9 SFG D . 39.36 -8.07 -24.37
C8 SFG D . 39.20 -7.13 -23.36
N7 SFG D . 40.28 -6.45 -23.10
C5 SFG D . 41.22 -6.95 -23.99
C6 SFG D . 42.60 -6.71 -24.15
N6 SFG D . 43.24 -5.67 -23.60
N1 SFG D . 43.29 -7.49 -25.02
C2 SFG D . 42.60 -8.39 -25.76
N3 SFG D . 41.30 -8.69 -25.71
C4 SFG D . 40.66 -7.94 -24.79
HN1 SFG D . 32.33 -7.84 -29.42
HN2 SFG D . 33.95 -8.14 -29.18
HA SFG D . 33.11 -10.58 -29.54
HXT SFG D . 29.80 -11.29 -28.45
HB1 SFG D . 33.01 -10.89 -27.03
HB2 SFG D . 34.41 -10.00 -27.57
HG1 SFG D . 33.28 -7.83 -26.96
HG2 SFG D . 31.86 -8.69 -26.43
HD SFG D . 33.72 -9.97 -24.97
HNE1 SFG D . 32.86 -8.71 -23.16
HNE2 SFG D . 32.19 -7.53 -24.19
H5'1 SFG D . 34.95 -7.28 -25.51
H5'2 SFG D . 35.05 -7.93 -23.92
H4' SFG D . 36.01 -9.48 -26.38
H3' SFG D . 35.60 -10.42 -23.70
HO3' SFG D . 36.86 -12.19 -24.60
H2' SFG D . 37.47 -9.26 -22.86
HO2' SFG D . 38.15 -11.33 -22.55
H1' SFG D . 38.84 -9.67 -25.56
H8 SFG D . 38.26 -7.00 -22.85
HN61 SFG D . 42.72 -5.03 -23.02
HN62 SFG D . 44.19 -5.41 -23.86
H2 SFG D . 43.19 -8.90 -26.51
C ACE E . 22.87 -12.49 -17.52
O ACE E . 22.49 -13.21 -18.43
CH3 ACE E . 23.51 -13.08 -16.29
#